data_7EVM
#
_entry.id   7EVM
#
_cell.length_a   1.00
_cell.length_b   1.00
_cell.length_c   1.00
_cell.angle_alpha   90.00
_cell.angle_beta   90.00
_cell.angle_gamma   90.00
#
_symmetry.space_group_name_H-M   'P 1'
#
loop_
_entity.id
_entity.type
_entity.pdbx_description
1 polymer 'Guanine nucleotide-binding protein G(s) subunit alpha isoforms short'
2 polymer 'Guanine nucleotide-binding protein G(I)/G(S)/G(T) subunit beta-1'
3 polymer 'Guanine nucleotide-binding protein G(I)/G(S)/G(O) subunit gamma-2'
4 polymer Nanobody-35
5 polymer 'Glucagon-like peptide 1 receptor'
6 non-polymer N-tert-butyl-6,7-bis(chloranyl)quinoxalin-2-amine
7 non-polymer CHOLESTEROL
#
loop_
_entity_poly.entity_id
_entity_poly.type
_entity_poly.pdbx_seq_one_letter_code
_entity_poly.pdbx_strand_id
1 'polypeptide(L)'
;MGCLGNSKTEDQRNEEKAQREANKKIEKQLQKDKQVYRATHRLLLLGAGESGKNTIVKQMRILHVNGFNGEGGEEDPQAA
RSNSDGEKATKVQDIKNNLKEAIETIVAAMSNLVPPVELANPENQFRVDYILSVMNVPDFDFPPEFYEHAKALWEDEGVR
ACYERSNEYQLIDCAQYFLDKIDVIKQADYVPSDQDLLRCRVLTSGIFETKFQVDKVNFHMFDVGAQRDERRKWIQCFND
VTAIIFVVASSSYNMVIREDNQTNRLQAALKLFDSIWNNKWLRDTSVILFLNKQDLLAEKVLAGKSKIEDYFPEFARYTT
PEDATPEPGEDPRVTRAKYFIRDEFLRISTASGDGRHYCYPHFTCAVDTENIRRVFNDCRDIIQRMHLRQYELL
;
A
2 'polypeptide(L)'
;MGSLLQSELDQLRQEAEQLKNQIRDARKACADATLSQITNNIDPVGRIQMRTRRTLRGHLAKIYAMHWGTDSRLLVSASQ
DGKLIIWDSYTTNKVHAIPLRSSWVMTCAYAPSGNYVACGGLDNICSIYNLKTREGNVRVSRELAGHTGYLSCCRFLDDN
QIVTSSGDTTCALWDIETGQQTTTFTGHTGDVMSLSLAPDTRLFVSGACDASAKLWDVREGMCRQTFTGHESDINAICFF
PNGNAFATGSDDATCRLFDLRADQELMTYSHDNIICGITSVSFSKSGRLLLAGYDDFNCNVWDALKADRAGVLAGHDNRV
SCLGVTDDGMAVATGSWDSFLKIWN
;
B
3 'polypeptide(L)' ASNNTASIAQARKLVEQLKMEANIDRIKVSKAAADLMAYCEAHAKEDPLLTPVPASENPFREKKFFCAIL G
4 'polypeptide(L)'
;MAQVQLQESGGGLVQPGGSLRLSCAASGFTFSNYKMNWVRQAPGKGLEWVSDISQSGASISYTGSVKGRFTISRDNAKNT
LYLQMNSLKPEDTAVYYCARCPAPFTRDCFDVTSTTYAYRGQGTQVTVSSHHHHHHEPEA
;
N
5 'polypeptide(L)'
;RPQGATVSLWETVQKWREYRRQCQRSLTEDPPPATDLFCNRTFDEYACWPDGEPGSFVNVSCPWYLPWASSVPQGHVYRF
CTAEGLWLQKDNSSLPWRDLSECEESKRGERSSPEEQLLFLYIIYTVGYALSFSALVIASAILLGFRHLHCTRNYIHLNL
FASFILRALSVFIKDAALKWMYSTAAQQHQWDGLLSYQDSLSCRLVFLLMQYCVAANYYWLLVEGVYLYTLLAFSVLSEQ
WIFRLYVSIGWGVPLLFVVPWGIVKYLYEDEGCWTRNSNMNYWLIIRLPILFAIGVNFLIFVRVICIVVSKLKANLMCKT
DIKCRLAKSTLTLIPLLGTHEVIFAFVMDEHARGTLRFIKLFTELSFTSFQGLMVAILYCFVNNEVQLEFRKSWERWRLE
HLHIQRDSSMKPLKCPTSSLSSGATAGSSMYTATCQASCS
;
R
#
loop_
_chem_comp.id
_chem_comp.type
_chem_comp.name
_chem_comp.formula
CLR non-polymer CHOLESTEROL 'C27 H46 O'
HNO non-polymer N-tert-butyl-6,7-bis(chloranyl)quinoxalin-2-amine 'C12 H13 Cl2 N3'
#
# COMPACT_ATOMS: atom_id res chain seq x y z
N ASP A 11 37.20 20.45 -14.92
CA ASP A 11 36.73 19.35 -15.77
C ASP A 11 35.53 18.65 -15.13
N GLN A 12 34.60 18.19 -15.96
CA GLN A 12 33.37 17.58 -15.48
C GLN A 12 33.37 16.06 -15.57
N ARG A 13 34.28 15.48 -16.35
CA ARG A 13 34.32 14.01 -16.48
C ARG A 13 34.68 13.36 -15.16
N ASN A 14 35.68 13.90 -14.46
CA ASN A 14 36.09 13.30 -13.19
C ASN A 14 35.02 13.43 -12.12
N GLU A 15 34.34 14.59 -12.05
CA GLU A 15 33.31 14.75 -11.04
C GLU A 15 32.09 13.91 -11.38
N GLU A 16 31.78 13.73 -12.67
CA GLU A 16 30.66 12.88 -13.04
C GLU A 16 30.98 11.41 -12.76
N LYS A 17 32.23 10.99 -12.96
CA LYS A 17 32.58 9.62 -12.62
C LYS A 17 32.66 9.43 -11.11
N ALA A 18 33.00 10.48 -10.36
CA ALA A 18 32.91 10.40 -8.91
C ALA A 18 31.46 10.29 -8.45
N GLN A 19 30.54 10.97 -9.14
CA GLN A 19 29.11 10.76 -8.90
C GLN A 19 28.73 9.32 -9.16
N ARG A 20 29.22 8.75 -10.27
CA ARG A 20 28.93 7.34 -10.58
C ARG A 20 29.49 6.41 -9.51
N GLU A 21 30.67 6.72 -8.99
CA GLU A 21 31.29 5.85 -7.99
C GLU A 21 30.57 5.94 -6.66
N ALA A 22 30.14 7.15 -6.27
CA ALA A 22 29.32 7.31 -5.08
C ALA A 22 27.99 6.59 -5.25
N ASN A 23 27.41 6.65 -6.46
CA ASN A 23 26.18 5.92 -6.74
C ASN A 23 26.41 4.41 -6.62
N LYS A 24 27.57 3.93 -7.05
CA LYS A 24 27.87 2.50 -6.94
C LYS A 24 28.00 2.08 -5.48
N LYS A 25 28.74 2.85 -4.69
CA LYS A 25 28.83 2.58 -3.26
C LYS A 25 27.44 2.59 -2.61
N ILE A 26 26.62 3.58 -2.96
CA ILE A 26 25.31 3.72 -2.35
C ILE A 26 24.40 2.56 -2.75
N GLU A 27 24.48 2.12 -4.00
CA GLU A 27 23.66 0.98 -4.43
C GLU A 27 24.15 -0.33 -3.85
N LYS A 28 25.45 -0.48 -3.60
CA LYS A 28 25.92 -1.67 -2.91
C LYS A 28 25.41 -1.68 -1.47
N GLN A 29 25.45 -0.53 -0.80
CA GLN A 29 24.90 -0.45 0.55
C GLN A 29 23.39 -0.67 0.56
N LEU A 30 22.69 -0.19 -0.47
CA LEU A 30 21.24 -0.39 -0.55
C LEU A 30 20.90 -1.85 -0.83
N GLN A 31 21.72 -2.56 -1.60
CA GLN A 31 21.49 -3.99 -1.77
C GLN A 31 21.72 -4.72 -0.45
N LYS A 32 22.80 -4.39 0.26
CA LYS A 32 23.06 -5.02 1.55
C LYS A 32 21.97 -4.70 2.56
N ASP A 33 21.34 -3.53 2.44
CA ASP A 33 20.28 -3.15 3.36
C ASP A 33 18.93 -3.75 2.94
N LYS A 34 18.71 -3.96 1.65
CA LYS A 34 17.48 -4.62 1.22
C LYS A 34 17.49 -6.10 1.56
N GLN A 35 18.66 -6.74 1.55
CA GLN A 35 18.75 -8.12 1.98
C GLN A 35 18.35 -8.29 3.44
N VAL A 36 18.51 -7.25 4.25
CA VAL A 36 18.04 -7.29 5.63
C VAL A 36 16.59 -6.80 5.73
N TYR A 37 16.19 -5.86 4.87
CA TYR A 37 14.83 -5.33 4.92
C TYR A 37 13.80 -6.39 4.61
N ARG A 38 13.90 -7.04 3.44
CA ARG A 38 12.91 -8.06 3.11
C ARG A 38 13.14 -9.36 3.86
N ALA A 39 14.14 -9.42 4.74
CA ALA A 39 14.33 -10.59 5.59
C ALA A 39 13.67 -10.44 6.95
N THR A 40 13.65 -9.23 7.51
CA THR A 40 12.96 -8.99 8.76
C THR A 40 11.47 -8.78 8.50
N HIS A 41 10.66 -9.28 9.42
CA HIS A 41 9.21 -9.13 9.34
C HIS A 41 8.78 -7.98 10.24
N ARG A 42 7.99 -7.08 9.69
CA ARG A 42 7.49 -5.91 10.40
C ARG A 42 6.13 -6.25 10.97
N LEU A 43 5.94 -5.99 12.26
CA LEU A 43 4.68 -6.26 12.95
C LEU A 43 4.20 -5.00 13.65
N LEU A 44 3.03 -4.52 13.28
CA LEU A 44 2.38 -3.45 14.03
C LEU A 44 1.59 -4.04 15.18
N LEU A 45 1.88 -3.60 16.39
CA LEU A 45 1.23 -4.11 17.59
C LEU A 45 0.20 -3.08 18.06
N LEU A 46 -1.07 -3.38 17.83
CA LEU A 46 -2.15 -2.51 18.26
C LEU A 46 -2.84 -3.06 19.50
N GLY A 47 -3.69 -2.23 20.08
CA GLY A 47 -4.43 -2.64 21.27
C GLY A 47 -5.20 -1.46 21.82
N ALA A 48 -6.15 -1.79 22.69
CA ALA A 48 -6.93 -0.78 23.38
C ALA A 48 -6.21 -0.31 24.63
N GLY A 49 -6.85 0.58 25.38
CA GLY A 49 -6.34 1.02 26.66
C GLY A 49 -6.19 -0.12 27.65
N GLU A 50 -4.99 -0.29 28.20
CA GLU A 50 -4.60 -1.38 29.10
C GLU A 50 -5.17 -2.72 28.63
N SER A 51 -5.05 -2.99 27.33
CA SER A 51 -5.58 -4.21 26.71
C SER A 51 -4.74 -5.44 27.01
N GLY A 52 -3.77 -5.37 27.92
CA GLY A 52 -2.88 -6.49 28.18
C GLY A 52 -1.76 -6.66 27.18
N LYS A 53 -1.67 -5.80 26.17
CA LYS A 53 -0.60 -5.90 25.19
C LYS A 53 0.76 -5.56 25.78
N ASN A 54 0.79 -4.83 26.89
CA ASN A 54 2.06 -4.48 27.53
C ASN A 54 2.82 -5.72 27.98
N THR A 55 2.10 -6.71 28.54
CA THR A 55 2.74 -7.96 28.90
C THR A 55 3.27 -8.68 27.67
N ILE A 56 2.53 -8.61 26.56
CA ILE A 56 2.97 -9.23 25.32
C ILE A 56 4.26 -8.58 24.82
N VAL A 57 4.41 -7.26 25.05
CA VAL A 57 5.67 -6.60 24.73
C VAL A 57 6.81 -7.19 25.56
N LYS A 58 6.58 -7.36 26.87
CA LYS A 58 7.65 -7.78 27.77
C LYS A 58 8.20 -9.16 27.42
N GLN A 59 7.31 -10.12 27.16
CA GLN A 59 7.78 -11.46 26.86
C GLN A 59 8.40 -11.55 25.48
N MET A 60 7.94 -10.76 24.52
CA MET A 60 8.59 -10.75 23.22
C MET A 60 9.91 -9.98 23.26
N ARG A 61 10.07 -9.10 24.23
CA ARG A 61 11.34 -8.38 24.37
C ARG A 61 12.39 -9.23 25.09
N ILE A 62 12.10 -9.64 26.32
CA ILE A 62 13.14 -10.23 27.16
C ILE A 62 13.30 -11.73 26.88
N LEU A 63 12.19 -12.46 26.79
CA LEU A 63 12.22 -13.92 26.65
C LEU A 63 12.71 -14.41 25.28
N HIS A 64 13.29 -13.54 24.45
CA HIS A 64 13.91 -13.91 23.17
C HIS A 64 12.86 -14.40 22.17
N ILE A 207 7.13 6.14 18.58
CA ILE A 207 6.73 4.79 18.91
C ILE A 207 7.90 3.98 19.42
N PHE A 208 7.61 2.85 20.05
CA PHE A 208 8.63 1.94 20.55
C PHE A 208 8.86 0.83 19.54
N GLU A 209 10.08 0.31 19.53
CA GLU A 209 10.51 -0.66 18.52
C GLU A 209 11.07 -1.88 19.22
N THR A 210 10.62 -3.06 18.80
CA THR A 210 11.02 -4.32 19.41
C THR A 210 11.56 -5.26 18.34
N LYS A 211 12.79 -5.72 18.51
CA LYS A 211 13.40 -6.72 17.64
C LYS A 211 13.60 -8.00 18.44
N PHE A 212 12.94 -9.07 18.01
CA PHE A 212 13.18 -10.40 18.54
C PHE A 212 13.49 -11.36 17.41
N GLN A 213 13.89 -12.58 17.77
CA GLN A 213 14.33 -13.56 16.80
C GLN A 213 13.90 -14.94 17.25
N VAL A 214 13.00 -15.56 16.50
CA VAL A 214 12.53 -16.92 16.75
C VAL A 214 12.77 -17.75 15.50
N ASP A 215 13.47 -18.88 15.67
CA ASP A 215 13.79 -19.81 14.58
C ASP A 215 14.61 -19.09 13.50
N LYS A 216 15.62 -18.34 13.95
CA LYS A 216 16.61 -17.65 13.12
C LYS A 216 16.01 -16.56 12.24
N VAL A 217 14.71 -16.34 12.27
CA VAL A 217 14.06 -15.31 11.47
C VAL A 217 13.92 -14.06 12.31
N ASN A 218 14.25 -12.91 11.74
CA ASN A 218 14.20 -11.65 12.46
C ASN A 218 12.81 -11.04 12.35
N PHE A 219 12.30 -10.55 13.48
CA PHE A 219 11.02 -9.87 13.55
C PHE A 219 11.20 -8.50 14.19
N HIS A 220 10.50 -7.51 13.65
CA HIS A 220 10.49 -6.17 14.23
C HIS A 220 9.05 -5.84 14.61
N MET A 221 8.81 -5.65 15.91
CA MET A 221 7.50 -5.29 16.42
C MET A 221 7.51 -3.82 16.82
N PHE A 222 6.47 -3.09 16.40
CA PHE A 222 6.39 -1.65 16.58
C PHE A 222 5.18 -1.32 17.43
N ASP A 223 5.39 -1.24 18.75
CA ASP A 223 4.35 -0.80 19.66
C ASP A 223 4.16 0.70 19.50
N VAL A 224 3.05 1.11 18.90
CA VAL A 224 2.79 2.52 18.67
C VAL A 224 2.45 3.17 20.01
N GLY A 225 3.42 3.88 20.58
CA GLY A 225 3.25 4.54 21.85
C GLY A 225 3.51 6.03 21.72
N ALA A 226 3.03 6.77 22.72
CA ALA A 226 3.12 8.23 22.76
C ALA A 226 2.39 8.87 21.58
N GLN A 227 1.42 8.15 21.02
CA GLN A 227 0.58 8.64 19.93
C GLN A 227 -0.82 8.88 20.47
N ARG A 228 -1.56 9.75 19.78
CA ARG A 228 -2.94 10.02 20.17
C ARG A 228 -3.82 8.79 19.90
N ASP A 229 -5.11 8.93 20.17
CA ASP A 229 -6.06 7.87 19.93
C ASP A 229 -6.80 8.01 18.61
N GLU A 230 -6.33 8.87 17.71
CA GLU A 230 -6.92 9.02 16.38
C GLU A 230 -6.02 8.32 15.36
N ARG A 231 -6.19 7.01 15.23
CA ARG A 231 -5.34 6.18 14.38
C ARG A 231 -5.68 6.29 12.91
N ARG A 232 -6.36 7.37 12.50
CA ARG A 232 -6.79 7.50 11.12
C ARG A 232 -5.64 7.58 10.14
N LYS A 233 -4.57 8.29 10.50
CA LYS A 233 -3.54 8.67 9.54
C LYS A 233 -2.28 7.81 9.64
N TRP A 234 -1.72 7.65 10.83
CA TRP A 234 -0.49 6.89 10.93
C TRP A 234 -0.68 5.39 10.74
N ILE A 235 -1.92 4.90 10.74
CA ILE A 235 -2.11 3.48 10.46
C ILE A 235 -1.95 3.19 8.98
N GLN A 236 -2.00 4.21 8.12
CA GLN A 236 -1.62 4.02 6.73
C GLN A 236 -0.13 3.74 6.59
N CYS A 237 0.68 4.07 7.59
CA CYS A 237 2.10 3.79 7.54
C CYS A 237 2.42 2.29 7.57
N PHE A 238 1.42 1.46 7.81
CA PHE A 238 1.70 0.06 8.12
C PHE A 238 1.17 -0.89 7.04
N ASN A 239 1.37 -0.53 5.77
CA ASN A 239 0.97 -1.43 4.69
C ASN A 239 2.01 -2.50 4.41
N ASP A 240 3.30 -2.13 4.42
CA ASP A 240 4.35 -3.12 4.21
C ASP A 240 4.46 -4.10 5.37
N VAL A 241 3.87 -3.75 6.52
CA VAL A 241 3.79 -4.63 7.67
C VAL A 241 3.16 -5.96 7.27
N THR A 242 3.83 -7.06 7.62
CA THR A 242 3.29 -8.38 7.32
C THR A 242 2.05 -8.67 8.14
N ALA A 243 2.05 -8.31 9.41
CA ALA A 243 0.93 -8.64 10.28
C ALA A 243 0.70 -7.52 11.29
N ILE A 244 -0.56 -7.10 11.41
CA ILE A 244 -0.97 -6.20 12.47
C ILE A 244 -1.42 -7.07 13.64
N ILE A 245 -0.63 -7.06 14.72
CA ILE A 245 -0.92 -7.90 15.88
C ILE A 245 -1.93 -7.15 16.75
N PHE A 246 -3.18 -7.61 16.73
CA PHE A 246 -4.26 -6.96 17.43
C PHE A 246 -4.48 -7.67 18.76
N VAL A 247 -4.21 -6.97 19.86
CA VAL A 247 -4.43 -7.50 21.19
C VAL A 247 -5.73 -6.92 21.73
N VAL A 248 -6.69 -7.79 22.03
CA VAL A 248 -7.96 -7.40 22.63
C VAL A 248 -8.03 -7.96 24.04
N ALA A 249 -8.43 -7.11 24.99
CA ALA A 249 -8.68 -7.53 26.36
C ALA A 249 -10.10 -8.06 26.43
N SER A 250 -10.23 -9.40 26.40
CA SER A 250 -11.55 -10.02 26.39
C SER A 250 -12.30 -9.81 27.70
N SER A 251 -11.61 -9.50 28.79
CA SER A 251 -12.23 -9.28 30.08
C SER A 251 -11.80 -7.95 30.68
N SER A 252 -11.91 -6.88 29.88
CA SER A 252 -11.49 -5.56 30.33
C SER A 252 -12.28 -5.06 31.53
N TYR A 253 -13.43 -5.65 31.82
CA TYR A 253 -14.24 -5.28 32.97
C TYR A 253 -14.68 -6.54 33.70
N ASN A 254 -15.23 -6.35 34.89
CA ASN A 254 -15.72 -7.47 35.69
C ASN A 254 -17.04 -7.10 36.38
N GLN A 262 -13.68 0.28 30.93
CA GLN A 262 -14.57 1.38 31.29
C GLN A 262 -15.97 1.18 30.72
N THR A 263 -16.10 1.29 29.41
CA THR A 263 -17.41 1.21 28.76
C THR A 263 -17.27 0.40 27.48
N ASN A 264 -17.67 -0.87 27.54
CA ASN A 264 -17.65 -1.85 26.45
C ASN A 264 -16.37 -1.79 25.61
N ARG A 265 -15.23 -2.08 26.25
CA ARG A 265 -13.96 -2.09 25.55
C ARG A 265 -13.89 -3.17 24.48
N LEU A 266 -14.78 -4.17 24.54
CA LEU A 266 -14.83 -5.17 23.48
C LEU A 266 -15.48 -4.61 22.23
N GLN A 267 -16.61 -3.92 22.36
CA GLN A 267 -17.24 -3.30 21.21
C GLN A 267 -16.39 -2.15 20.67
N ALA A 268 -15.64 -1.46 21.53
CA ALA A 268 -14.71 -0.46 21.04
C ALA A 268 -13.57 -1.10 20.27
N ALA A 269 -13.06 -2.24 20.74
CA ALA A 269 -12.05 -2.95 20.00
C ALA A 269 -12.62 -3.62 18.76
N LEU A 270 -13.88 -4.05 18.81
CA LEU A 270 -14.50 -4.66 17.64
C LEU A 270 -14.69 -3.65 16.52
N LYS A 271 -15.01 -2.40 16.87
CA LYS A 271 -15.21 -1.38 15.85
C LYS A 271 -13.90 -0.88 15.28
N LEU A 272 -12.85 -0.80 16.11
CA LEU A 272 -11.53 -0.53 15.57
C LEU A 272 -11.03 -1.70 14.73
N PHE A 273 -11.39 -2.92 15.11
CA PHE A 273 -11.09 -4.08 14.29
C PHE A 273 -11.83 -4.02 12.96
N ASP A 274 -13.09 -3.58 12.99
CA ASP A 274 -13.85 -3.44 11.75
C ASP A 274 -13.25 -2.39 10.82
N SER A 275 -12.64 -1.36 11.38
CA SER A 275 -12.07 -0.29 10.57
C SER A 275 -10.71 -0.65 9.99
N ILE A 276 -10.06 -1.68 10.51
CA ILE A 276 -8.77 -2.09 9.96
C ILE A 276 -8.96 -2.84 8.64
N TRP A 277 -9.91 -3.77 8.60
CA TRP A 277 -10.17 -4.52 7.37
C TRP A 277 -10.67 -3.59 6.28
N ASN A 278 -11.69 -2.79 6.60
CA ASN A 278 -12.30 -1.93 5.60
C ASN A 278 -11.43 -0.74 5.22
N ASN A 279 -10.30 -0.52 5.90
CA ASN A 279 -9.35 0.48 5.45
C ASN A 279 -8.77 0.06 4.11
N LYS A 280 -8.93 0.91 3.09
CA LYS A 280 -8.55 0.51 1.74
C LYS A 280 -7.04 0.40 1.57
N TRP A 281 -6.25 0.89 2.52
CA TRP A 281 -4.81 0.69 2.48
C TRP A 281 -4.36 -0.50 3.31
N LEU A 282 -5.17 -0.93 4.28
CA LEU A 282 -4.91 -2.15 5.02
C LEU A 282 -5.71 -3.32 4.47
N ARG A 283 -6.17 -3.22 3.21
CA ARG A 283 -6.93 -4.30 2.58
C ARG A 283 -6.06 -5.44 2.08
N ASP A 284 -4.76 -5.44 2.39
CA ASP A 284 -3.92 -6.60 2.13
C ASP A 284 -2.98 -6.92 3.29
N THR A 285 -3.13 -6.25 4.43
CA THR A 285 -2.34 -6.56 5.62
C THR A 285 -3.14 -7.47 6.53
N SER A 286 -2.58 -8.63 6.84
CA SER A 286 -3.27 -9.60 7.68
C SER A 286 -3.17 -9.21 9.15
N VAL A 287 -4.13 -9.66 9.94
CA VAL A 287 -4.24 -9.30 11.34
C VAL A 287 -4.12 -10.57 12.16
N ILE A 288 -3.05 -10.69 12.93
CA ILE A 288 -2.94 -11.74 13.94
C ILE A 288 -3.63 -11.24 15.20
N LEU A 289 -4.65 -11.96 15.63
CA LEU A 289 -5.54 -11.50 16.69
C LEU A 289 -5.26 -12.27 17.97
N PHE A 290 -4.76 -11.56 18.98
CA PHE A 290 -4.56 -12.13 20.31
C PHE A 290 -5.70 -11.68 21.22
N LEU A 291 -6.66 -12.57 21.44
CA LEU A 291 -7.74 -12.31 22.39
C LEU A 291 -7.18 -12.53 23.78
N ASN A 292 -6.61 -11.46 24.35
CA ASN A 292 -5.86 -11.56 25.59
C ASN A 292 -6.80 -11.75 26.79
N LYS A 293 -6.18 -12.06 27.93
CA LYS A 293 -6.86 -12.19 29.21
C LYS A 293 -7.95 -13.26 29.17
N GLN A 294 -7.62 -14.42 28.63
CA GLN A 294 -8.54 -15.56 28.70
C GLN A 294 -8.66 -16.14 30.10
N ASP A 295 -7.71 -15.84 30.98
CA ASP A 295 -7.80 -16.28 32.37
C ASP A 295 -8.67 -15.35 33.20
N LEU A 296 -8.63 -14.05 32.93
CA LEU A 296 -9.47 -13.11 33.64
C LEU A 296 -10.91 -13.16 33.12
N LEU A 297 -11.10 -13.61 31.88
CA LEU A 297 -12.44 -13.88 31.38
C LEU A 297 -13.04 -15.13 32.01
N ALA A 298 -12.18 -16.06 32.45
CA ALA A 298 -12.67 -17.26 33.13
C ALA A 298 -13.43 -16.90 34.40
N GLU A 299 -12.77 -16.23 35.34
CA GLU A 299 -13.39 -15.94 36.63
C GLU A 299 -14.60 -15.03 36.49
N LYS A 300 -14.69 -14.26 35.41
CA LYS A 300 -15.80 -13.32 35.27
C LYS A 300 -17.10 -14.05 34.95
N VAL A 301 -17.08 -14.94 33.96
CA VAL A 301 -18.32 -15.52 33.47
C VAL A 301 -18.76 -16.71 34.33
N LEU A 302 -17.81 -17.50 34.85
CA LEU A 302 -18.22 -18.63 35.71
C LEU A 302 -18.80 -18.12 37.03
N ALA A 303 -18.39 -16.94 37.48
CA ALA A 303 -19.05 -16.32 38.63
C ALA A 303 -20.48 -15.91 38.26
N GLY A 304 -20.65 -15.29 37.10
CA GLY A 304 -21.96 -14.98 36.58
C GLY A 304 -22.59 -13.69 37.07
N LYS A 305 -21.86 -12.88 37.82
CA LYS A 305 -22.42 -11.61 38.26
C LYS A 305 -22.29 -10.51 37.21
N SER A 306 -21.30 -10.62 36.33
CA SER A 306 -21.11 -9.68 35.23
C SER A 306 -21.08 -10.50 33.95
N LYS A 307 -22.09 -10.32 33.11
CA LYS A 307 -22.25 -11.09 31.88
C LYS A 307 -21.78 -10.29 30.68
N ILE A 308 -21.56 -10.99 29.57
CA ILE A 308 -21.46 -10.35 28.27
C ILE A 308 -22.81 -10.27 27.58
N GLU A 309 -23.83 -10.93 28.11
CA GLU A 309 -25.15 -10.91 27.50
C GLU A 309 -25.78 -9.52 27.55
N ASP A 310 -25.47 -8.74 28.59
CA ASP A 310 -25.95 -7.37 28.66
C ASP A 310 -25.24 -6.46 27.67
N TYR A 311 -24.04 -6.83 27.23
CA TYR A 311 -23.35 -6.13 26.17
C TYR A 311 -23.49 -6.81 24.82
N PHE A 312 -23.91 -8.07 24.81
CA PHE A 312 -24.10 -8.82 23.56
C PHE A 312 -25.29 -9.75 23.73
N PRO A 313 -26.49 -9.28 23.36
CA PRO A 313 -27.69 -10.12 23.52
C PRO A 313 -27.65 -11.40 22.72
N GLU A 314 -26.95 -11.42 21.58
CA GLU A 314 -26.85 -12.65 20.79
C GLU A 314 -25.96 -13.70 21.44
N PHE A 315 -25.44 -13.47 22.65
CA PHE A 315 -24.61 -14.48 23.30
C PHE A 315 -25.45 -15.60 23.89
N ALA A 316 -26.60 -15.26 24.47
CA ALA A 316 -27.47 -16.28 25.06
C ALA A 316 -27.98 -17.26 24.01
N ARG A 317 -28.23 -16.78 22.79
CA ARG A 317 -28.64 -17.64 21.68
C ARG A 317 -27.46 -18.24 20.93
N TYR A 318 -26.26 -18.17 21.50
CA TYR A 318 -25.05 -18.64 20.86
C TYR A 318 -24.57 -19.91 21.56
N THR A 319 -24.34 -20.97 20.79
CA THR A 319 -23.83 -22.23 21.30
C THR A 319 -22.37 -22.40 20.87
N THR A 320 -21.58 -23.02 21.74
CA THR A 320 -20.15 -23.20 21.47
C THR A 320 -19.94 -23.92 20.14
N PRO A 321 -18.98 -23.48 19.33
CA PRO A 321 -18.76 -24.11 18.03
C PRO A 321 -18.18 -25.50 18.16
N GLU A 322 -18.38 -26.31 17.11
CA GLU A 322 -17.84 -27.66 17.08
C GLU A 322 -16.31 -27.66 16.95
N ASP A 323 -15.70 -26.55 16.54
CA ASP A 323 -14.25 -26.44 16.43
C ASP A 323 -13.60 -26.05 17.75
N ALA A 324 -14.28 -26.30 18.87
CA ALA A 324 -13.74 -25.92 20.17
C ALA A 324 -12.66 -26.89 20.63
N THR A 325 -11.61 -26.33 21.22
CA THR A 325 -10.54 -27.11 21.84
C THR A 325 -10.30 -26.55 23.24
N PRO A 326 -11.17 -26.88 24.19
CA PRO A 326 -11.06 -26.28 25.53
C PRO A 326 -9.85 -26.81 26.28
N GLU A 327 -9.15 -25.91 26.94
CA GLU A 327 -8.05 -26.30 27.80
C GLU A 327 -8.58 -27.00 29.05
N PRO A 328 -7.76 -27.83 29.69
CA PRO A 328 -8.19 -28.45 30.96
C PRO A 328 -8.50 -27.40 32.02
N GLY A 329 -9.75 -27.43 32.50
CA GLY A 329 -10.24 -26.44 33.42
C GLY A 329 -11.19 -25.43 32.81
N GLU A 330 -11.43 -25.50 31.50
CA GLU A 330 -12.32 -24.58 30.81
C GLU A 330 -13.72 -25.18 30.81
N ASP A 331 -14.52 -24.78 31.80
CA ASP A 331 -15.90 -25.22 31.87
C ASP A 331 -16.71 -24.68 30.69
N PRO A 332 -17.84 -25.33 30.34
CA PRO A 332 -18.65 -24.86 29.20
C PRO A 332 -19.11 -23.41 29.28
N ARG A 333 -19.13 -22.83 30.48
CA ARG A 333 -19.57 -21.45 30.61
C ARG A 333 -18.53 -20.46 30.11
N VAL A 334 -17.25 -20.83 30.13
CA VAL A 334 -16.21 -19.94 29.63
C VAL A 334 -15.91 -20.17 28.16
N THR A 335 -15.90 -21.43 27.70
CA THR A 335 -15.62 -21.68 26.29
C THR A 335 -16.71 -21.13 25.37
N ARG A 336 -17.86 -20.75 25.92
CA ARG A 336 -18.79 -19.94 25.16
C ARG A 336 -18.25 -18.52 25.01
N ALA A 337 -18.05 -17.83 26.14
CA ALA A 337 -17.49 -16.49 26.12
C ALA A 337 -16.12 -16.44 25.48
N LYS A 338 -15.33 -17.50 25.62
CA LYS A 338 -14.04 -17.57 24.93
C LYS A 338 -14.23 -17.60 23.41
N TYR A 339 -15.16 -18.43 22.95
CA TYR A 339 -15.37 -18.59 21.51
C TYR A 339 -16.42 -17.65 20.95
N PHE A 340 -17.31 -17.10 21.78
CA PHE A 340 -18.27 -16.14 21.26
C PHE A 340 -17.57 -14.86 20.84
N ILE A 341 -16.61 -14.39 21.64
CA ILE A 341 -15.84 -13.21 21.28
C ILE A 341 -15.06 -13.46 19.98
N ARG A 342 -14.51 -14.67 19.83
CA ARG A 342 -13.73 -14.99 18.65
C ARG A 342 -14.57 -14.90 17.38
N ASP A 343 -15.85 -15.27 17.46
CA ASP A 343 -16.71 -15.20 16.28
C ASP A 343 -17.30 -13.82 16.04
N GLU A 344 -17.26 -12.92 17.04
CA GLU A 344 -17.62 -11.53 16.76
C GLU A 344 -16.57 -10.86 15.89
N PHE A 345 -15.30 -11.23 16.06
CA PHE A 345 -14.26 -10.70 15.18
C PHE A 345 -14.24 -11.41 13.85
N LEU A 346 -14.53 -12.72 13.82
CA LEU A 346 -14.56 -13.44 12.56
C LEU A 346 -15.79 -13.10 11.74
N ARG A 347 -16.84 -12.57 12.36
CA ARG A 347 -17.96 -12.05 11.57
C ARG A 347 -17.54 -10.86 10.73
N ILE A 348 -16.53 -10.12 11.19
CA ILE A 348 -15.99 -9.02 10.39
C ILE A 348 -14.90 -9.53 9.47
N SER A 349 -14.14 -10.53 9.92
CA SER A 349 -13.02 -11.05 9.12
C SER A 349 -13.48 -11.83 7.90
N THR A 350 -14.74 -12.27 7.86
CA THR A 350 -15.24 -13.02 6.72
C THR A 350 -16.20 -12.24 5.85
N ALA A 351 -16.77 -11.14 6.36
CA ALA A 351 -17.70 -10.33 5.60
C ALA A 351 -17.03 -9.31 4.69
N SER A 352 -15.71 -9.41 4.50
CA SER A 352 -14.98 -8.47 3.65
C SER A 352 -13.59 -9.02 3.38
N GLY A 353 -13.07 -8.67 2.21
CA GLY A 353 -11.70 -8.97 1.82
C GLY A 353 -11.26 -10.41 1.95
N ASP A 354 -11.79 -11.28 1.10
CA ASP A 354 -11.39 -12.68 1.08
C ASP A 354 -10.21 -12.88 0.15
N GLY A 355 -9.19 -13.60 0.64
CA GLY A 355 -8.02 -13.91 -0.15
C GLY A 355 -6.90 -12.90 -0.08
N ARG A 356 -7.19 -11.66 0.32
CA ARG A 356 -6.16 -10.62 0.45
C ARG A 356 -5.49 -10.66 1.82
N HIS A 357 -6.29 -10.50 2.87
CA HIS A 357 -5.83 -10.61 4.25
C HIS A 357 -6.61 -11.70 4.98
N TYR A 358 -6.03 -12.17 6.08
CA TYR A 358 -6.59 -13.27 6.85
C TYR A 358 -6.48 -12.96 8.34
N CYS A 359 -7.49 -13.34 9.10
CA CYS A 359 -7.47 -13.22 10.55
C CYS A 359 -7.09 -14.58 11.15
N TYR A 360 -6.10 -14.56 12.05
CA TYR A 360 -5.69 -15.75 12.80
C TYR A 360 -5.92 -15.47 14.28
N PRO A 361 -7.14 -15.63 14.76
CA PRO A 361 -7.42 -15.33 16.17
C PRO A 361 -6.80 -16.37 17.10
N HIS A 362 -6.31 -15.87 18.24
CA HIS A 362 -5.66 -16.70 19.22
C HIS A 362 -6.14 -16.29 20.61
N PHE A 363 -6.05 -17.23 21.54
CA PHE A 363 -6.42 -16.99 22.93
C PHE A 363 -5.16 -17.02 23.79
N THR A 364 -4.80 -15.86 24.33
CA THR A 364 -3.61 -15.71 25.14
C THR A 364 -3.96 -15.10 26.50
N CYS A 365 -2.92 -14.93 27.32
CA CYS A 365 -3.04 -14.43 28.68
C CYS A 365 -1.65 -14.08 29.18
N ALA A 366 -1.60 -13.43 30.35
CA ALA A 366 -0.33 -13.02 30.93
C ALA A 366 0.57 -14.21 31.28
N VAL A 367 -0.01 -15.38 31.54
CA VAL A 367 0.79 -16.56 31.88
C VAL A 367 1.20 -17.36 30.65
N ASP A 368 0.62 -17.08 29.49
CA ASP A 368 0.94 -17.80 28.27
C ASP A 368 2.25 -17.27 27.69
N THR A 369 3.16 -18.17 27.33
CA THR A 369 4.50 -17.79 26.91
C THR A 369 4.81 -18.05 25.45
N GLU A 370 4.12 -18.99 24.80
CA GLU A 370 4.42 -19.30 23.41
C GLU A 370 3.76 -18.33 22.43
N ASN A 371 3.32 -17.16 22.90
CA ASN A 371 2.78 -16.14 22.01
C ASN A 371 3.80 -15.67 20.99
N ILE A 372 5.09 -15.84 21.26
CA ILE A 372 6.12 -15.49 20.29
C ILE A 372 6.20 -16.51 19.16
N ARG A 373 5.70 -17.72 19.38
CA ARG A 373 5.65 -18.72 18.33
C ARG A 373 4.34 -18.69 17.55
N ARG A 374 3.24 -18.28 18.18
CA ARG A 374 1.99 -18.15 17.44
C ARG A 374 2.07 -17.05 16.40
N VAL A 375 2.83 -15.99 16.66
CA VAL A 375 3.02 -14.98 15.64
C VAL A 375 3.99 -15.48 14.57
N PHE A 376 5.01 -16.25 14.95
CA PHE A 376 5.95 -16.75 13.97
C PHE A 376 5.32 -17.82 13.08
N ASN A 377 4.48 -18.68 13.67
CA ASN A 377 3.79 -19.69 12.87
C ASN A 377 2.77 -19.05 11.94
N ASP A 378 2.13 -17.98 12.38
CA ASP A 378 1.14 -17.32 11.54
C ASP A 378 1.72 -16.23 10.67
N CYS A 379 2.97 -15.81 10.90
CA CYS A 379 3.66 -14.99 9.91
C CYS A 379 4.25 -15.83 8.79
N ARG A 380 4.57 -17.10 9.06
CA ARG A 380 4.85 -18.02 7.98
C ARG A 380 3.59 -18.23 7.14
N ASP A 381 2.44 -18.38 7.81
CA ASP A 381 1.18 -18.56 7.11
C ASP A 381 0.85 -17.34 6.26
N ILE A 382 1.17 -16.13 6.76
CA ILE A 382 0.87 -14.92 6.01
C ILE A 382 1.74 -14.83 4.77
N ILE A 383 3.03 -15.12 4.91
CA ILE A 383 3.94 -15.03 3.77
C ILE A 383 3.67 -16.13 2.77
N GLN A 384 3.42 -17.35 3.25
CA GLN A 384 3.10 -18.46 2.35
C GLN A 384 1.83 -18.17 1.56
N ARG A 385 0.80 -17.64 2.20
CA ARG A 385 -0.41 -17.28 1.47
C ARG A 385 -0.17 -16.09 0.54
N MET A 386 0.81 -15.24 0.85
CA MET A 386 1.15 -14.17 -0.07
C MET A 386 1.86 -14.71 -1.31
N HIS A 387 2.68 -15.74 -1.13
CA HIS A 387 3.34 -16.37 -2.28
C HIS A 387 2.38 -17.25 -3.06
N LEU A 388 1.55 -18.03 -2.36
CA LEU A 388 0.65 -18.96 -3.02
C LEU A 388 -0.39 -18.26 -3.89
N ARG A 389 -0.66 -16.98 -3.64
CA ARG A 389 -1.56 -16.22 -4.49
C ARG A 389 -0.82 -15.42 -5.55
N GLN A 390 0.51 -15.34 -5.47
CA GLN A 390 1.28 -14.79 -6.58
C GLN A 390 1.34 -15.77 -7.74
N TYR A 391 1.35 -17.07 -7.45
CA TYR A 391 1.27 -18.11 -8.47
C TYR A 391 -0.17 -18.50 -8.78
N GLU A 392 -1.15 -17.82 -8.17
CA GLU A 392 -2.57 -18.16 -8.27
C GLU A 392 -2.85 -19.62 -7.90
N LEU A 393 -2.02 -20.18 -7.01
CA LEU A 393 -2.30 -21.49 -6.45
C LEU A 393 -3.31 -21.44 -5.31
N LEU A 394 -3.74 -20.25 -4.92
CA LEU A 394 -4.62 -20.11 -3.76
C LEU A 394 -5.62 -19.00 -3.97
N GLU B 8 -22.07 28.77 31.86
CA GLU B 8 -21.29 29.73 31.09
C GLU B 8 -20.86 29.13 29.76
N LEU B 9 -20.93 27.80 29.66
CA LEU B 9 -20.52 27.14 28.42
C LEU B 9 -21.54 27.38 27.31
N ASP B 10 -22.83 27.24 27.61
CA ASP B 10 -23.86 27.40 26.59
C ASP B 10 -23.89 28.83 26.05
N GLN B 11 -23.70 29.82 26.93
CA GLN B 11 -23.69 31.20 26.48
C GLN B 11 -22.44 31.51 25.66
N LEU B 12 -21.30 30.91 26.03
CA LEU B 12 -20.10 31.13 25.23
C LEU B 12 -20.17 30.35 23.91
N ARG B 13 -20.84 29.20 23.90
CA ARG B 13 -21.13 28.53 22.64
C ARG B 13 -22.05 29.38 21.76
N GLN B 14 -23.02 30.07 22.38
CA GLN B 14 -23.87 31.00 21.64
C GLN B 14 -23.05 32.14 21.06
N GLU B 15 -22.13 32.70 21.86
CA GLU B 15 -21.23 33.73 21.36
C GLU B 15 -20.42 33.22 20.18
N ALA B 16 -19.90 31.99 20.30
CA ALA B 16 -19.11 31.41 19.21
C ALA B 16 -19.94 31.25 17.95
N GLU B 17 -21.18 30.76 18.08
CA GLU B 17 -22.00 30.54 16.88
C GLU B 17 -22.41 31.86 16.24
N GLN B 18 -22.71 32.90 17.04
CA GLN B 18 -23.08 34.17 16.41
C GLN B 18 -21.87 34.84 15.78
N LEU B 19 -20.68 34.68 16.37
CA LEU B 19 -19.49 35.26 15.76
C LEU B 19 -19.12 34.52 14.49
N LYS B 20 -19.31 33.19 14.48
CA LYS B 20 -19.11 32.42 13.25
C LYS B 20 -20.09 32.86 12.17
N ASN B 21 -21.35 33.10 12.54
CA ASN B 21 -22.31 33.59 11.57
C ASN B 21 -21.93 34.99 11.06
N GLN B 22 -21.40 35.84 11.94
CA GLN B 22 -20.94 37.16 11.51
C GLN B 22 -19.79 37.05 10.53
N ILE B 23 -18.84 36.14 10.79
CA ILE B 23 -17.73 35.94 9.86
C ILE B 23 -18.25 35.40 8.53
N ARG B 24 -19.24 34.51 8.57
CA ARG B 24 -19.80 33.96 7.35
C ARG B 24 -20.52 35.03 6.53
N ASP B 25 -21.26 35.92 7.19
CA ASP B 25 -21.90 37.01 6.47
C ASP B 25 -20.89 38.00 5.91
N ALA B 26 -19.82 38.27 6.66
CA ALA B 26 -18.77 39.14 6.14
C ALA B 26 -18.04 38.51 4.97
N ARG B 27 -17.99 37.18 4.93
CA ARG B 27 -17.39 36.51 3.77
C ARG B 27 -18.34 36.54 2.57
N LYS B 28 -19.64 36.38 2.82
CA LYS B 28 -20.61 36.44 1.73
C LYS B 28 -20.72 37.85 1.15
N ALA B 29 -20.58 38.87 2.00
CA ALA B 29 -20.57 40.25 1.51
C ALA B 29 -19.35 40.51 0.64
N CYS B 30 -18.25 39.79 0.88
CA CYS B 30 -17.09 39.83 0.01
C CYS B 30 -17.23 38.91 -1.19
N ALA B 31 -18.21 38.01 -1.18
CA ALA B 31 -18.42 37.06 -2.27
C ALA B 31 -19.37 37.65 -3.31
N ASP B 32 -18.83 38.55 -4.13
CA ASP B 32 -19.59 39.13 -5.22
C ASP B 32 -19.39 38.41 -6.55
N ALA B 33 -18.45 37.47 -6.63
CA ALA B 33 -18.19 36.75 -7.87
C ALA B 33 -17.43 35.47 -7.52
N THR B 34 -16.91 34.82 -8.56
CA THR B 34 -16.00 33.70 -8.41
C THR B 34 -15.03 33.72 -9.59
N LEU B 35 -14.03 32.84 -9.52
CA LEU B 35 -13.11 32.70 -10.64
C LEU B 35 -13.80 32.09 -11.85
N SER B 36 -14.82 31.23 -11.62
CA SER B 36 -15.55 30.62 -12.71
C SER B 36 -16.31 31.64 -13.55
N GLN B 37 -16.53 32.83 -13.02
CA GLN B 37 -17.17 33.93 -13.76
C GLN B 37 -16.16 34.92 -14.32
N ILE B 38 -15.09 35.20 -13.58
CA ILE B 38 -14.11 36.17 -14.06
C ILE B 38 -13.14 35.53 -15.06
N THR B 39 -12.79 34.27 -14.87
CA THR B 39 -11.86 33.60 -15.79
C THR B 39 -12.55 32.96 -16.99
N ASN B 40 -13.83 33.27 -17.24
CA ASN B 40 -14.45 32.79 -18.46
C ASN B 40 -13.80 33.38 -19.70
N ASN B 41 -13.20 34.57 -19.57
CA ASN B 41 -12.47 35.20 -20.66
C ASN B 41 -11.00 34.76 -20.70
N ILE B 42 -10.67 33.68 -20.03
CA ILE B 42 -9.29 33.18 -19.94
C ILE B 42 -9.20 31.92 -20.80
N ASP B 43 -8.30 31.95 -21.77
CA ASP B 43 -8.14 30.81 -22.67
C ASP B 43 -7.63 29.60 -21.90
N PRO B 44 -8.13 28.41 -22.20
CA PRO B 44 -7.64 27.20 -21.53
C PRO B 44 -6.20 26.91 -21.92
N VAL B 45 -5.52 26.18 -21.03
CA VAL B 45 -4.12 25.85 -21.25
C VAL B 45 -3.92 24.69 -22.21
N GLY B 46 -5.00 24.11 -22.72
CA GLY B 46 -4.88 22.96 -23.59
C GLY B 46 -4.66 21.69 -22.78
N ARG B 47 -4.10 20.69 -23.46
CA ARG B 47 -3.80 19.41 -22.84
C ARG B 47 -2.34 19.43 -22.40
N ILE B 48 -2.11 19.28 -21.10
CA ILE B 48 -0.77 19.24 -20.54
C ILE B 48 -0.35 17.78 -20.50
N GLN B 49 0.38 17.34 -21.53
CA GLN B 49 0.79 15.96 -21.68
C GLN B 49 2.25 15.85 -21.26
N MET B 50 2.45 15.55 -19.97
CA MET B 50 3.78 15.45 -19.40
C MET B 50 4.19 13.97 -19.36
N ARG B 51 5.43 13.71 -19.73
CA ARG B 51 5.95 12.35 -19.83
C ARG B 51 7.04 12.13 -18.81
N THR B 52 7.06 10.94 -18.22
CA THR B 52 8.11 10.58 -17.27
C THR B 52 9.49 10.65 -17.92
N ARG B 53 10.33 11.59 -17.46
CA ARG B 53 11.67 11.71 -18.01
C ARG B 53 12.63 10.76 -17.33
N ARG B 54 12.59 10.69 -16.00
CA ARG B 54 13.44 9.80 -15.23
C ARG B 54 12.60 9.10 -14.17
N THR B 55 12.97 7.86 -13.86
CA THR B 55 12.38 7.11 -12.78
C THR B 55 13.47 6.80 -11.77
N LEU B 56 13.45 7.48 -10.64
CA LEU B 56 14.47 7.30 -9.61
C LEU B 56 14.08 6.12 -8.73
N ARG B 57 14.77 5.00 -8.92
CA ARG B 57 14.48 3.78 -8.19
C ARG B 57 15.67 3.40 -7.31
N GLY B 58 15.38 2.61 -6.28
CA GLY B 58 16.37 2.26 -5.28
C GLY B 58 15.77 2.20 -3.90
N HIS B 59 14.60 2.81 -3.73
CA HIS B 59 13.87 2.73 -2.48
C HIS B 59 13.24 1.35 -2.31
N LEU B 60 13.12 0.92 -1.06
CA LEU B 60 12.66 -0.42 -0.76
C LEU B 60 11.23 -0.47 -0.25
N ALA B 61 10.67 0.66 0.18
CA ALA B 61 9.33 0.70 0.73
C ALA B 61 8.59 1.90 0.13
N LYS B 62 7.40 2.16 0.67
CA LYS B 62 6.60 3.29 0.23
C LYS B 62 7.37 4.59 0.39
N ILE B 63 7.30 5.45 -0.62
CA ILE B 63 7.90 6.78 -0.54
C ILE B 63 6.85 7.72 0.02
N TYR B 64 7.06 8.19 1.26
CA TYR B 64 6.09 9.05 1.91
C TYR B 64 6.30 10.53 1.66
N ALA B 65 7.54 10.98 1.52
CA ALA B 65 7.80 12.40 1.34
C ALA B 65 8.90 12.62 0.32
N MET B 66 8.91 13.85 -0.21
CA MET B 66 9.89 14.25 -1.20
C MET B 66 9.91 15.78 -1.24
N HIS B 67 11.11 16.34 -1.40
CA HIS B 67 11.28 17.78 -1.41
C HIS B 67 12.48 18.15 -2.27
N TRP B 68 12.32 19.20 -3.06
CA TRP B 68 13.35 19.66 -3.97
C TRP B 68 14.31 20.62 -3.27
N GLY B 69 15.57 20.55 -3.66
CA GLY B 69 16.50 21.59 -3.30
C GLY B 69 16.26 22.84 -4.12
N THR B 70 16.81 23.96 -3.65
CA THR B 70 16.63 25.23 -4.36
C THR B 70 17.38 25.26 -5.68
N ASP B 71 18.39 24.41 -5.87
CA ASP B 71 19.13 24.33 -7.12
C ASP B 71 18.37 23.61 -8.22
N SER B 72 17.23 22.99 -7.90
CA SER B 72 16.39 22.22 -8.81
C SER B 72 17.07 20.95 -9.32
N ARG B 73 18.22 20.58 -8.75
CA ARG B 73 18.92 19.37 -9.11
C ARG B 73 18.72 18.25 -8.11
N LEU B 74 18.80 18.55 -6.82
CA LEU B 74 18.83 17.54 -5.77
C LEU B 74 17.46 17.36 -5.16
N LEU B 75 17.05 16.12 -5.00
CA LEU B 75 15.86 15.76 -4.25
C LEU B 75 16.25 15.04 -2.98
N VAL B 76 15.34 15.04 -2.01
CA VAL B 76 15.37 14.11 -0.90
C VAL B 76 14.07 13.31 -0.94
N SER B 77 14.17 12.01 -0.75
CA SER B 77 13.00 11.14 -0.71
C SER B 77 13.05 10.29 0.54
N ALA B 78 11.95 10.27 1.28
CA ALA B 78 11.85 9.53 2.52
C ALA B 78 10.94 8.33 2.33
N SER B 79 11.39 7.17 2.79
CA SER B 79 10.65 5.94 2.59
C SER B 79 10.64 5.13 3.88
N GLN B 80 9.57 4.34 4.04
CA GLN B 80 9.30 3.60 5.27
C GLN B 80 10.36 2.55 5.59
N ASP B 81 11.27 2.30 4.65
CA ASP B 81 12.33 1.32 4.88
C ASP B 81 13.43 1.85 5.79
N GLY B 82 13.43 3.14 6.10
CA GLY B 82 14.49 3.72 6.89
C GLY B 82 15.58 4.39 6.10
N LYS B 83 15.27 4.91 4.91
CA LYS B 83 16.25 5.54 4.05
C LYS B 83 15.84 6.97 3.73
N LEU B 84 16.84 7.86 3.70
CA LEU B 84 16.67 9.24 3.27
C LEU B 84 17.66 9.45 2.13
N ILE B 85 17.23 9.12 0.92
CA ILE B 85 18.10 9.13 -0.25
C ILE B 85 18.10 10.52 -0.87
N ILE B 86 19.28 11.05 -1.13
CA ILE B 86 19.45 12.28 -1.89
C ILE B 86 19.73 11.90 -3.34
N TRP B 87 18.86 12.34 -4.25
CA TRP B 87 18.98 12.02 -5.66
C TRP B 87 19.55 13.21 -6.44
N ASP B 88 20.14 12.89 -7.59
CA ASP B 88 20.50 13.88 -8.59
C ASP B 88 19.50 13.74 -9.73
N SER B 89 18.67 14.75 -9.92
CA SER B 89 17.56 14.64 -10.87
C SER B 89 18.02 14.70 -12.32
N TYR B 90 19.22 15.22 -12.60
CA TYR B 90 19.67 15.30 -13.97
C TYR B 90 20.33 14.00 -14.42
N THR B 91 21.05 13.34 -13.52
CA THR B 91 21.80 12.14 -13.85
C THR B 91 21.27 10.89 -13.15
N THR B 92 20.05 10.94 -12.62
CA THR B 92 19.39 9.86 -11.85
C THR B 92 20.35 9.11 -10.93
N ASN B 93 21.29 9.85 -10.33
CA ASN B 93 22.31 9.27 -9.47
C ASN B 93 22.02 9.62 -8.01
N LYS B 94 22.27 8.67 -7.13
CA LYS B 94 22.08 8.90 -5.70
C LYS B 94 23.32 9.57 -5.12
N VAL B 95 23.12 10.70 -4.44
CA VAL B 95 24.23 11.43 -3.85
C VAL B 95 24.49 10.99 -2.42
N HIS B 96 23.45 10.79 -1.61
CA HIS B 96 23.60 10.31 -0.25
C HIS B 96 22.48 9.33 0.07
N ALA B 97 22.82 8.29 0.81
CA ALA B 97 21.86 7.32 1.32
C ALA B 97 21.94 7.35 2.83
N ILE B 98 21.07 8.14 3.45
CA ILE B 98 21.13 8.41 4.88
C ILE B 98 20.25 7.38 5.59
N PRO B 99 20.81 6.46 6.36
CA PRO B 99 19.97 5.55 7.15
C PRO B 99 19.41 6.25 8.38
N LEU B 100 18.14 6.00 8.66
CA LEU B 100 17.45 6.67 9.75
C LEU B 100 17.29 5.73 10.94
N ARG B 101 17.22 6.33 12.13
CA ARG B 101 17.02 5.56 13.35
C ARG B 101 15.64 4.94 13.42
N SER B 102 14.64 5.60 12.83
CA SER B 102 13.27 5.11 12.82
C SER B 102 12.84 4.88 11.39
N SER B 103 12.37 3.67 11.10
CA SER B 103 12.00 3.32 9.73
C SER B 103 10.80 4.14 9.25
N TRP B 104 9.88 4.47 10.15
CA TRP B 104 8.63 5.14 9.76
C TRP B 104 8.85 6.65 9.68
N VAL B 105 9.42 7.07 8.56
CA VAL B 105 9.61 8.49 8.28
C VAL B 105 8.44 8.98 7.45
N MET B 106 7.68 9.93 7.99
CA MET B 106 6.49 10.43 7.32
C MET B 106 6.71 11.74 6.59
N THR B 107 7.85 12.40 6.78
CA THR B 107 8.11 13.65 6.09
C THR B 107 9.61 13.86 5.93
N CYS B 108 9.97 14.80 5.07
CA CYS B 108 11.36 15.14 4.83
C CYS B 108 11.40 16.51 4.15
N ALA B 109 12.46 17.25 4.41
CA ALA B 109 12.64 18.58 3.83
C ALA B 109 14.10 18.80 3.47
N TYR B 110 14.32 19.51 2.38
CA TYR B 110 15.64 19.90 1.92
C TYR B 110 15.82 21.39 2.21
N ALA B 111 16.84 21.71 3.00
CA ALA B 111 17.06 23.08 3.43
C ALA B 111 17.32 23.98 2.23
N PRO B 112 16.73 25.18 2.20
CA PRO B 112 16.97 26.08 1.05
C PRO B 112 18.43 26.46 0.84
N SER B 113 19.26 26.35 1.89
CA SER B 113 20.69 26.55 1.72
C SER B 113 21.39 25.31 1.19
N GLY B 114 20.72 24.16 1.17
CA GLY B 114 21.30 22.94 0.68
C GLY B 114 22.14 22.18 1.68
N ASN B 115 22.43 22.77 2.84
CA ASN B 115 23.37 22.16 3.78
C ASN B 115 22.72 21.04 4.58
N TYR B 116 21.48 21.22 5.01
CA TYR B 116 20.82 20.28 5.91
C TYR B 116 19.64 19.60 5.24
N VAL B 117 19.23 18.47 5.82
CA VAL B 117 18.05 17.73 5.38
C VAL B 117 17.35 17.15 6.61
N ALA B 118 16.04 17.31 6.68
CA ALA B 118 15.24 16.85 7.81
C ALA B 118 14.47 15.59 7.45
N CYS B 119 13.93 14.95 8.49
CA CYS B 119 13.02 13.82 8.35
C CYS B 119 12.31 13.60 9.66
N GLY B 120 11.01 13.32 9.60
CA GLY B 120 10.25 13.05 10.80
C GLY B 120 9.11 12.10 10.50
N GLY B 121 8.74 11.33 11.52
CA GLY B 121 7.69 10.34 11.37
C GLY B 121 7.12 9.92 12.69
N LEU B 122 6.92 8.62 12.86
CA LEU B 122 6.29 8.06 14.05
C LEU B 122 7.16 8.12 15.29
N ASP B 123 8.41 8.51 15.17
CA ASP B 123 9.25 8.63 16.35
C ASP B 123 9.02 9.92 17.12
N ASN B 124 8.10 10.77 16.63
CA ASN B 124 7.80 12.08 17.22
C ASN B 124 9.02 12.99 17.29
N ILE B 125 10.03 12.72 16.46
CA ILE B 125 11.29 13.44 16.48
C ILE B 125 11.61 13.88 15.07
N CYS B 126 12.01 15.14 14.92
CA CYS B 126 12.50 15.66 13.65
C CYS B 126 14.02 15.65 13.69
N SER B 127 14.63 14.77 12.90
CA SER B 127 16.07 14.61 12.89
C SER B 127 16.67 15.48 11.79
N ILE B 128 17.65 16.30 12.15
CA ILE B 128 18.33 17.17 11.20
C ILE B 128 19.66 16.52 10.85
N TYR B 129 19.89 16.30 9.56
CA TYR B 129 21.13 15.72 9.07
C TYR B 129 21.96 16.78 8.36
N ASN B 130 23.26 16.76 8.62
CA ASN B 130 24.18 17.73 8.04
C ASN B 130 24.84 17.08 6.83
N LEU B 131 24.43 17.53 5.63
CA LEU B 131 25.03 16.99 4.41
C LEU B 131 26.43 17.52 4.18
N LYS B 132 26.59 18.85 4.21
CA LYS B 132 27.88 19.47 3.94
C LYS B 132 28.72 19.46 5.22
N THR B 133 29.16 18.27 5.58
CA THR B 133 29.97 18.03 6.77
C THR B 133 31.44 17.90 6.41
N ARG B 134 32.30 18.19 7.39
CA ARG B 134 33.74 18.26 7.15
C ARG B 134 34.34 16.91 6.79
N GLU B 135 33.74 15.80 7.21
CA GLU B 135 34.29 14.48 6.92
C GLU B 135 33.57 13.76 5.79
N GLY B 136 32.46 14.28 5.30
CA GLY B 136 31.69 13.62 4.27
C GLY B 136 30.72 12.57 4.77
N ASN B 137 30.67 12.32 6.08
CA ASN B 137 29.77 11.34 6.66
C ASN B 137 28.48 12.04 7.07
N VAL B 138 27.39 11.73 6.38
CA VAL B 138 26.10 12.35 6.67
C VAL B 138 25.62 11.88 8.03
N ARG B 139 25.64 12.78 9.01
CA ARG B 139 25.43 12.44 10.40
C ARG B 139 24.33 13.31 10.99
N VAL B 140 23.66 12.77 12.02
CA VAL B 140 22.63 13.53 12.71
C VAL B 140 23.21 14.79 13.31
N SER B 141 22.60 15.93 12.99
CA SER B 141 23.01 17.19 13.59
C SER B 141 22.23 17.46 14.88
N ARG B 142 20.90 17.29 14.83
CA ARG B 142 20.04 17.50 15.99
C ARG B 142 18.90 16.50 15.93
N GLU B 143 18.31 16.25 17.10
CA GLU B 143 17.09 15.47 17.22
C GLU B 143 16.09 16.31 18.01
N LEU B 144 15.14 16.90 17.29
CA LEU B 144 14.21 17.87 17.88
C LEU B 144 13.04 17.12 18.50
N ALA B 145 13.23 16.68 19.75
CA ALA B 145 12.16 16.02 20.48
C ALA B 145 11.33 17.03 21.24
N GLY B 146 10.09 16.66 21.53
CA GLY B 146 9.18 17.56 22.21
C GLY B 146 7.74 17.42 21.78
N HIS B 147 7.52 16.91 20.57
CA HIS B 147 6.17 16.61 20.11
C HIS B 147 5.66 15.33 20.74
N THR B 148 4.41 15.34 21.16
CA THR B 148 3.73 14.15 21.63
C THR B 148 2.92 13.47 20.54
N GLY B 149 3.23 13.75 19.27
CA GLY B 149 2.56 13.11 18.16
C GLY B 149 3.53 12.88 17.02
N TYR B 150 3.11 12.03 16.09
CA TYR B 150 3.94 11.74 14.92
C TYR B 150 4.21 13.00 14.13
N LEU B 151 5.38 13.07 13.50
CA LEU B 151 5.76 14.21 12.68
C LEU B 151 5.22 13.99 11.27
N SER B 152 4.28 14.84 10.87
CA SER B 152 3.64 14.67 9.58
C SER B 152 4.26 15.51 8.47
N CYS B 153 4.76 16.71 8.80
CA CYS B 153 5.41 17.55 7.80
C CYS B 153 6.34 18.54 8.49
N CYS B 154 7.56 18.64 7.98
CA CYS B 154 8.54 19.60 8.49
C CYS B 154 9.09 20.38 7.30
N ARG B 155 9.10 21.70 7.41
CA ARG B 155 9.63 22.56 6.37
C ARG B 155 10.74 23.42 6.95
N PHE B 156 11.88 23.48 6.26
CA PHE B 156 13.03 24.27 6.71
C PHE B 156 12.75 25.75 6.52
N LEU B 157 12.74 26.49 7.63
CA LEU B 157 12.88 27.93 7.53
C LEU B 157 14.37 28.27 7.32
N ASP B 158 14.62 29.48 6.84
CA ASP B 158 15.97 29.86 6.42
C ASP B 158 17.03 29.83 7.52
N ASP B 159 16.89 30.67 8.54
CA ASP B 159 17.98 30.91 9.50
C ASP B 159 17.91 29.92 10.68
N ASN B 160 18.36 28.69 10.41
CA ASN B 160 18.44 27.60 11.38
C ASN B 160 17.12 27.29 12.05
N GLN B 161 16.01 27.77 11.49
CA GLN B 161 14.68 27.51 12.02
C GLN B 161 14.00 26.46 11.15
N ILE B 162 13.13 25.67 11.75
CA ILE B 162 12.36 24.68 11.03
C ILE B 162 10.94 24.66 11.56
N VAL B 163 9.96 24.68 10.67
CA VAL B 163 8.56 24.62 11.03
C VAL B 163 8.11 23.17 10.88
N THR B 164 7.86 22.52 12.01
CA THR B 164 7.48 21.11 12.02
C THR B 164 6.01 20.99 12.42
N SER B 165 5.30 20.12 11.72
CA SER B 165 3.89 19.87 11.97
C SER B 165 3.75 18.43 12.45
N SER B 166 2.96 18.24 13.50
CA SER B 166 2.83 16.93 14.13
C SER B 166 1.38 16.47 14.14
N GLY B 167 1.22 15.20 14.51
CA GLY B 167 -0.10 14.67 14.84
C GLY B 167 -0.53 15.08 16.23
N ASP B 168 0.32 15.87 16.90
CA ASP B 168 0.01 16.46 18.19
C ASP B 168 -1.07 17.54 18.10
N THR B 169 -1.60 17.79 16.90
CA THR B 169 -2.52 18.87 16.58
C THR B 169 -1.88 20.24 16.80
N THR B 170 -0.56 20.29 16.84
CA THR B 170 0.19 21.48 17.21
C THR B 170 1.42 21.60 16.32
N CYS B 171 1.56 22.72 15.64
CA CYS B 171 2.77 23.00 14.87
C CYS B 171 3.82 23.61 15.80
N ALA B 172 5.01 23.83 15.26
CA ALA B 172 6.11 24.31 16.10
C ALA B 172 7.20 24.88 15.23
N LEU B 173 7.84 25.93 15.72
CA LEU B 173 9.02 26.54 15.08
C LEU B 173 10.22 26.29 15.97
N TRP B 174 11.15 25.48 15.51
CA TRP B 174 12.29 25.04 16.30
C TRP B 174 13.53 25.85 15.97
N ASP B 175 14.33 26.12 17.00
CA ASP B 175 15.66 26.68 16.82
C ASP B 175 16.65 25.51 16.88
N ILE B 176 17.21 25.15 15.72
CA ILE B 176 17.95 23.90 15.59
C ILE B 176 19.22 23.94 16.44
N GLU B 177 19.90 25.08 16.48
CA GLU B 177 21.17 25.16 17.21
C GLU B 177 21.00 24.82 18.68
N THR B 178 19.93 25.30 19.31
CA THR B 178 19.67 24.94 20.70
C THR B 178 18.89 23.63 20.80
N GLY B 179 17.94 23.41 19.89
CA GLY B 179 17.14 22.21 19.90
C GLY B 179 15.80 22.33 20.59
N GLN B 180 15.41 23.53 21.02
CA GLN B 180 14.13 23.76 21.66
C GLN B 180 13.27 24.66 20.78
N GLN B 181 11.99 24.35 20.68
CA GLN B 181 11.10 25.11 19.82
C GLN B 181 10.81 26.48 20.44
N THR B 182 10.89 27.53 19.62
CA THR B 182 10.64 28.87 20.11
C THR B 182 9.17 29.23 20.11
N THR B 183 8.36 28.58 19.27
CA THR B 183 6.94 28.86 19.19
C THR B 183 6.19 27.56 18.99
N THR B 184 4.97 27.50 19.51
CA THR B 184 4.08 26.37 19.30
C THR B 184 2.74 26.90 18.79
N PHE B 185 2.32 26.42 17.63
CA PHE B 185 1.11 26.90 16.98
C PHE B 185 -0.03 25.95 17.31
N THR B 186 -0.95 26.40 18.14
CA THR B 186 -2.08 25.60 18.59
C THR B 186 -3.39 26.21 18.12
N GLY B 187 -4.40 25.36 17.98
CA GLY B 187 -5.70 25.78 17.51
C GLY B 187 -6.34 24.74 16.63
N HIS B 188 -5.51 23.83 16.10
CA HIS B 188 -6.04 22.70 15.34
C HIS B 188 -6.53 21.63 16.31
N THR B 189 -7.71 21.07 16.01
CA THR B 189 -8.27 20.01 16.83
C THR B 189 -7.94 18.62 16.31
N GLY B 190 -7.53 18.49 15.04
CA GLY B 190 -7.17 17.22 14.47
C GLY B 190 -5.69 17.17 14.12
N ASP B 191 -5.24 15.98 13.71
CA ASP B 191 -3.85 15.79 13.33
C ASP B 191 -3.44 16.76 12.23
N VAL B 192 -2.43 17.57 12.51
CA VAL B 192 -1.92 18.54 11.56
C VAL B 192 -1.10 17.78 10.52
N MET B 193 -1.56 17.80 9.27
CA MET B 193 -1.03 16.86 8.29
C MET B 193 -0.01 17.46 7.32
N SER B 194 -0.08 18.76 7.01
CA SER B 194 0.79 19.28 5.97
C SER B 194 1.04 20.77 6.18
N LEU B 195 2.21 21.21 5.72
CA LEU B 195 2.63 22.60 5.82
C LEU B 195 3.00 23.15 4.45
N SER B 196 3.03 24.48 4.37
CA SER B 196 3.50 25.16 3.16
C SER B 196 3.92 26.57 3.55
N LEU B 197 5.21 26.83 3.51
CA LEU B 197 5.73 28.16 3.83
C LEU B 197 5.50 29.10 2.66
N ALA B 198 5.09 30.33 2.97
CA ALA B 198 4.95 31.34 1.94
C ALA B 198 6.31 31.67 1.35
N PRO B 199 6.35 32.23 0.13
CA PRO B 199 7.64 32.59 -0.48
C PRO B 199 8.51 33.50 0.37
N ASP B 200 7.91 34.46 1.09
CA ASP B 200 8.69 35.31 1.97
C ASP B 200 9.03 34.66 3.29
N THR B 201 8.55 33.43 3.53
CA THR B 201 8.81 32.67 4.76
C THR B 201 8.44 33.46 6.01
N ARG B 202 7.38 34.27 5.89
CA ARG B 202 6.84 35.03 7.01
C ARG B 202 5.51 34.51 7.50
N LEU B 203 4.77 33.81 6.65
CA LEU B 203 3.53 33.15 7.03
C LEU B 203 3.55 31.73 6.50
N PHE B 204 2.93 30.81 7.23
CA PHE B 204 2.75 29.46 6.71
C PHE B 204 1.31 29.02 6.97
N VAL B 205 0.89 28.01 6.22
CA VAL B 205 -0.47 27.49 6.29
C VAL B 205 -0.40 26.03 6.69
N SER B 206 -1.38 25.60 7.48
CA SER B 206 -1.40 24.27 8.07
C SER B 206 -2.70 23.58 7.74
N GLY B 207 -2.61 22.33 7.29
CA GLY B 207 -3.78 21.50 7.06
C GLY B 207 -3.88 20.44 8.14
N ALA B 208 -5.11 20.19 8.60
CA ALA B 208 -5.35 19.24 9.66
C ALA B 208 -6.55 18.38 9.32
N CYS B 209 -6.79 17.37 10.15
CA CYS B 209 -7.96 16.51 10.02
C CYS B 209 -9.22 17.13 10.60
N ASP B 210 -9.25 18.46 10.77
CA ASP B 210 -10.46 19.17 11.13
C ASP B 210 -11.12 19.79 9.91
N ALA B 211 -10.66 19.43 8.71
CA ALA B 211 -11.12 19.98 7.44
C ALA B 211 -10.94 21.49 7.36
N SER B 212 -10.02 22.04 8.15
CA SER B 212 -9.80 23.48 8.20
C SER B 212 -8.31 23.77 7.99
N ALA B 213 -8.03 24.92 7.41
CA ALA B 213 -6.67 25.39 7.17
C ALA B 213 -6.47 26.68 7.92
N LYS B 214 -5.28 26.83 8.51
CA LYS B 214 -5.00 27.97 9.38
C LYS B 214 -3.76 28.71 8.90
N LEU B 215 -3.87 30.02 8.77
CA LEU B 215 -2.76 30.89 8.37
C LEU B 215 -2.06 31.36 9.63
N TRP B 216 -0.80 30.95 9.82
CA TRP B 216 -0.05 31.28 11.01
C TRP B 216 0.97 32.38 10.72
N ASP B 217 1.18 33.24 11.72
CA ASP B 217 2.28 34.19 11.71
C ASP B 217 3.44 33.52 12.44
N VAL B 218 4.47 33.12 11.70
CA VAL B 218 5.56 32.35 12.29
C VAL B 218 6.35 33.20 13.28
N ARG B 219 6.36 34.53 13.10
CA ARG B 219 7.08 35.40 14.01
C ARG B 219 6.30 35.70 15.27
N GLU B 220 4.97 35.78 15.19
CA GLU B 220 4.16 36.09 16.37
C GLU B 220 3.63 34.83 17.04
N GLY B 221 3.19 33.85 16.27
CA GLY B 221 2.65 32.62 16.82
C GLY B 221 1.14 32.54 16.91
N MET B 222 0.42 33.44 16.24
CA MET B 222 -1.03 33.46 16.27
C MET B 222 -1.61 32.94 14.97
N CYS B 223 -2.78 32.30 15.07
CA CYS B 223 -3.53 31.87 13.89
C CYS B 223 -4.16 33.10 13.26
N ARG B 224 -3.53 33.63 12.21
CA ARG B 224 -4.03 34.84 11.57
C ARG B 224 -5.37 34.64 10.89
N GLN B 225 -5.69 33.42 10.49
CA GLN B 225 -6.84 33.18 9.63
C GLN B 225 -7.14 31.69 9.62
N THR B 226 -8.43 31.35 9.75
CA THR B 226 -8.87 29.96 9.72
C THR B 226 -9.75 29.75 8.49
N PHE B 227 -9.34 28.84 7.62
CA PHE B 227 -10.01 28.61 6.35
C PHE B 227 -10.84 27.33 6.43
N THR B 228 -12.15 27.48 6.40
CA THR B 228 -13.07 26.35 6.31
C THR B 228 -13.72 26.32 4.94
N GLY B 229 -14.31 25.17 4.62
CA GLY B 229 -14.89 24.97 3.31
C GLY B 229 -14.62 23.57 2.80
N HIS B 230 -13.54 22.97 3.29
CA HIS B 230 -13.28 21.57 3.00
C HIS B 230 -14.15 20.68 3.87
N GLU B 231 -14.30 19.43 3.44
CA GLU B 231 -15.21 18.51 4.10
C GLU B 231 -14.52 17.33 4.77
N SER B 232 -13.29 17.00 4.39
CA SER B 232 -12.57 15.93 5.07
C SER B 232 -11.15 16.35 5.46
N ASP B 233 -10.37 15.37 5.91
CA ASP B 233 -9.03 15.63 6.44
C ASP B 233 -8.14 16.27 5.39
N ILE B 234 -7.62 17.47 5.70
CA ILE B 234 -6.68 18.10 4.80
C ILE B 234 -5.39 17.29 4.80
N ASN B 235 -5.10 16.65 3.67
CA ASN B 235 -3.90 15.81 3.55
C ASN B 235 -2.71 16.58 3.01
N ALA B 236 -2.93 17.59 2.18
CA ALA B 236 -1.85 18.38 1.63
C ALA B 236 -2.25 19.83 1.51
N ILE B 237 -1.26 20.72 1.59
CA ILE B 237 -1.46 22.15 1.44
C ILE B 237 -0.27 22.71 0.67
N CYS B 238 -0.52 23.73 -0.14
CA CYS B 238 0.55 24.38 -0.89
C CYS B 238 0.16 25.81 -1.19
N PHE B 239 1.12 26.72 -1.10
CA PHE B 239 0.90 28.13 -1.37
C PHE B 239 0.91 28.42 -2.86
N PHE B 240 0.15 29.43 -3.25
CA PHE B 240 0.31 30.00 -4.58
C PHE B 240 1.69 30.64 -4.68
N PRO B 241 2.33 30.62 -5.84
CA PRO B 241 3.68 31.19 -5.96
C PRO B 241 3.82 32.64 -5.51
N ASN B 242 2.75 33.43 -5.55
CA ASN B 242 2.85 34.81 -5.09
C ASN B 242 2.57 34.97 -3.60
N GLY B 243 2.25 33.88 -2.90
CA GLY B 243 2.00 33.94 -1.47
C GLY B 243 0.76 34.68 -1.06
N ASN B 244 -0.21 34.83 -1.95
CA ASN B 244 -1.49 35.46 -1.63
C ASN B 244 -2.66 34.50 -1.79
N ALA B 245 -2.39 33.20 -1.90
CA ALA B 245 -3.41 32.18 -2.03
C ALA B 245 -2.76 30.84 -1.76
N PHE B 246 -3.59 29.83 -1.47
CA PHE B 246 -3.07 28.50 -1.28
C PHE B 246 -4.13 27.47 -1.67
N ALA B 247 -3.66 26.28 -2.02
CA ALA B 247 -4.51 25.18 -2.41
C ALA B 247 -4.41 24.05 -1.40
N THR B 248 -5.52 23.37 -1.17
CA THR B 248 -5.60 22.28 -0.21
C THR B 248 -6.09 21.01 -0.88
N GLY B 249 -5.62 19.88 -0.39
CA GLY B 249 -6.11 18.59 -0.83
C GLY B 249 -6.52 17.75 0.36
N SER B 250 -7.67 17.11 0.24
CA SER B 250 -8.26 16.37 1.34
C SER B 250 -8.73 15.00 0.87
N ASP B 251 -9.21 14.19 1.83
CA ASP B 251 -9.87 12.94 1.50
C ASP B 251 -11.22 13.16 0.85
N ASP B 252 -11.73 14.40 0.86
CA ASP B 252 -12.97 14.76 0.19
C ASP B 252 -12.93 14.49 -1.31
N ALA B 253 -11.73 14.24 -1.86
CA ALA B 253 -11.46 14.05 -3.29
C ALA B 253 -11.64 15.33 -4.08
N THR B 254 -11.43 16.48 -3.44
CA THR B 254 -11.51 17.78 -4.09
C THR B 254 -10.37 18.65 -3.63
N CYS B 255 -9.93 19.55 -4.49
CA CYS B 255 -8.99 20.59 -4.12
C CYS B 255 -9.71 21.93 -4.07
N ARG B 256 -9.45 22.69 -3.01
CA ARG B 256 -10.00 24.03 -2.88
C ARG B 256 -8.86 25.03 -2.89
N LEU B 257 -9.12 26.20 -3.46
CA LEU B 257 -8.14 27.27 -3.56
C LEU B 257 -8.62 28.42 -2.70
N PHE B 258 -8.01 28.58 -1.53
CA PHE B 258 -8.34 29.67 -0.63
C PHE B 258 -7.42 30.85 -0.89
N ASP B 259 -7.95 32.05 -0.68
CA ASP B 259 -7.18 33.28 -0.80
C ASP B 259 -7.02 33.87 0.60
N LEU B 260 -5.80 34.31 0.92
CA LEU B 260 -5.53 34.89 2.22
C LEU B 260 -6.27 36.20 2.44
N ARG B 261 -6.64 36.89 1.36
CA ARG B 261 -7.33 38.17 1.43
C ARG B 261 -8.83 38.04 1.28
N ALA B 262 -9.28 37.24 0.31
CA ALA B 262 -10.71 37.02 0.11
C ALA B 262 -11.34 36.25 1.26
N ASP B 263 -10.53 35.54 2.06
CA ASP B 263 -10.97 34.89 3.29
C ASP B 263 -12.01 33.80 3.05
N GLN B 264 -11.96 33.14 1.90
CA GLN B 264 -12.92 32.09 1.57
C GLN B 264 -12.40 31.32 0.36
N GLU B 265 -13.23 30.43 -0.15
CA GLU B 265 -12.86 29.62 -1.31
C GLU B 265 -12.88 30.45 -2.58
N LEU B 266 -11.90 30.21 -3.45
CA LEU B 266 -11.90 30.78 -4.79
C LEU B 266 -12.37 29.81 -5.84
N MET B 267 -11.87 28.57 -5.81
CA MET B 267 -12.26 27.53 -6.76
C MET B 267 -12.31 26.20 -6.05
N THR B 268 -13.13 25.30 -6.59
CA THR B 268 -13.22 23.92 -6.13
C THR B 268 -12.80 23.01 -7.27
N TYR B 269 -11.77 22.20 -7.03
CA TYR B 269 -11.19 21.32 -8.05
C TYR B 269 -11.65 19.90 -7.76
N SER B 270 -12.82 19.54 -8.29
CA SER B 270 -13.40 18.22 -8.10
C SER B 270 -13.85 17.67 -9.43
N HIS B 271 -14.03 16.35 -9.47
CA HIS B 271 -14.58 15.68 -10.63
C HIS B 271 -15.45 14.53 -10.16
N ASP B 272 -16.59 14.35 -10.83
CA ASP B 272 -17.59 13.39 -10.36
C ASP B 272 -17.09 11.95 -10.43
N ASN B 273 -16.21 11.65 -11.38
CA ASN B 273 -15.61 10.32 -11.48
C ASN B 273 -14.35 10.19 -10.63
N ILE B 274 -14.11 11.14 -9.73
CA ILE B 274 -12.98 11.11 -8.80
C ILE B 274 -13.55 10.98 -7.40
N ILE B 275 -13.21 9.88 -6.73
CA ILE B 275 -13.68 9.60 -5.38
C ILE B 275 -12.53 9.32 -4.41
N CYS B 276 -11.29 9.59 -4.83
CA CYS B 276 -10.12 9.22 -4.07
C CYS B 276 -9.47 10.45 -3.43
N GLY B 277 -8.92 10.25 -2.23
CA GLY B 277 -8.36 11.36 -1.49
C GLY B 277 -7.09 11.89 -2.10
N ILE B 278 -6.89 13.19 -1.93
CA ILE B 278 -5.75 13.90 -2.52
C ILE B 278 -4.63 14.00 -1.49
N THR B 279 -3.50 13.37 -1.79
CA THR B 279 -2.40 13.30 -0.84
C THR B 279 -1.36 14.40 -1.01
N SER B 280 -1.25 14.98 -2.20
CA SER B 280 -0.24 16.01 -2.41
C SER B 280 -0.75 17.04 -3.41
N VAL B 281 -0.37 18.29 -3.18
CA VAL B 281 -0.76 19.40 -4.02
C VAL B 281 0.46 20.28 -4.24
N SER B 282 0.58 20.83 -5.45
CA SER B 282 1.69 21.71 -5.78
C SER B 282 1.21 22.74 -6.80
N PHE B 283 2.09 23.66 -7.12
CA PHE B 283 1.82 24.68 -8.13
C PHE B 283 2.97 24.77 -9.10
N SER B 284 2.69 25.27 -10.30
CA SER B 284 3.72 25.61 -11.26
C SER B 284 4.21 27.03 -11.00
N LYS B 285 5.34 27.37 -11.61
CA LYS B 285 5.99 28.66 -11.44
C LYS B 285 5.03 29.83 -11.64
N SER B 286 4.12 29.71 -12.61
CA SER B 286 3.11 30.74 -12.82
C SER B 286 1.90 30.54 -11.92
N GLY B 287 1.80 29.41 -11.23
CA GLY B 287 0.59 29.12 -10.48
C GLY B 287 -0.61 28.79 -11.33
N ARG B 288 -0.41 28.55 -12.63
CA ARG B 288 -1.51 28.26 -13.53
C ARG B 288 -1.89 26.80 -13.56
N LEU B 289 -0.95 25.90 -13.26
CA LEU B 289 -1.20 24.47 -13.24
C LEU B 289 -1.19 23.98 -11.80
N LEU B 290 -2.29 23.38 -11.37
CA LEU B 290 -2.42 22.82 -10.03
C LEU B 290 -2.24 21.32 -10.12
N LEU B 291 -1.10 20.83 -9.65
CA LEU B 291 -0.78 19.41 -9.67
C LEU B 291 -1.28 18.79 -8.38
N ALA B 292 -2.10 17.73 -8.50
CA ALA B 292 -2.71 17.09 -7.34
C ALA B 292 -2.48 15.60 -7.42
N GLY B 293 -1.86 15.04 -6.39
CA GLY B 293 -1.70 13.60 -6.29
C GLY B 293 -2.93 12.97 -5.69
N TYR B 294 -3.23 11.75 -6.12
CA TYR B 294 -4.49 11.10 -5.76
C TYR B 294 -4.23 9.70 -5.22
N ASP B 295 -5.29 9.11 -4.69
CA ASP B 295 -5.26 7.71 -4.28
C ASP B 295 -5.56 6.77 -5.45
N ASP B 296 -6.07 7.29 -6.56
CA ASP B 296 -6.32 6.48 -7.75
C ASP B 296 -5.06 6.20 -8.56
N PHE B 297 -3.89 6.42 -7.96
CA PHE B 297 -2.56 6.06 -8.45
C PHE B 297 -2.02 7.02 -9.51
N ASN B 298 -2.68 8.14 -9.78
CA ASN B 298 -2.19 9.06 -10.79
C ASN B 298 -2.41 10.50 -10.33
N CYS B 299 -1.59 11.40 -10.88
CA CYS B 299 -1.68 12.83 -10.62
C CYS B 299 -2.45 13.50 -11.74
N ASN B 300 -3.34 14.42 -11.37
CA ASN B 300 -4.12 15.19 -12.34
C ASN B 300 -3.61 16.62 -12.37
N VAL B 301 -3.47 17.16 -13.59
CA VAL B 301 -2.94 18.50 -13.78
C VAL B 301 -4.14 19.43 -13.91
N TRP B 302 -4.58 19.98 -12.78
CA TRP B 302 -5.75 20.84 -12.78
C TRP B 302 -5.38 22.23 -13.27
N ASP B 303 -6.31 22.84 -14.01
CA ASP B 303 -6.18 24.24 -14.40
C ASP B 303 -6.55 25.07 -13.19
N ALA B 304 -5.54 25.66 -12.55
CA ALA B 304 -5.73 26.42 -11.33
C ALA B 304 -6.66 27.62 -11.50
N LEU B 305 -7.01 27.99 -12.73
CA LEU B 305 -7.91 29.11 -12.98
C LEU B 305 -9.26 28.70 -13.54
N LYS B 306 -9.45 27.42 -13.92
CA LYS B 306 -10.68 26.98 -14.55
C LYS B 306 -11.26 25.70 -13.98
N ALA B 307 -10.53 25.00 -13.09
CA ALA B 307 -10.91 23.73 -12.48
C ALA B 307 -11.10 22.61 -13.48
N ASP B 308 -10.54 22.72 -14.69
CA ASP B 308 -10.61 21.67 -15.69
C ASP B 308 -9.37 20.80 -15.61
N ARG B 309 -9.57 19.48 -15.74
CA ARG B 309 -8.43 18.58 -15.70
C ARG B 309 -7.65 18.70 -17.01
N ALA B 310 -6.62 19.55 -17.02
CA ALA B 310 -5.85 19.79 -18.23
C ALA B 310 -5.01 18.59 -18.64
N GLY B 311 -4.65 17.72 -17.72
CA GLY B 311 -3.86 16.58 -18.06
C GLY B 311 -3.84 15.58 -16.94
N VAL B 312 -3.09 14.50 -17.15
CA VAL B 312 -2.97 13.41 -16.18
C VAL B 312 -1.53 12.92 -16.19
N LEU B 313 -0.98 12.73 -15.00
CA LEU B 313 0.35 12.15 -14.84
C LEU B 313 0.17 10.75 -14.30
N ALA B 314 -0.03 9.79 -15.21
CA ALA B 314 -0.30 8.41 -14.83
C ALA B 314 0.91 7.54 -15.12
N GLY B 315 1.04 6.46 -14.36
CA GLY B 315 2.19 5.59 -14.52
C GLY B 315 2.69 5.04 -13.20
N HIS B 316 2.06 5.43 -12.10
CA HIS B 316 2.42 4.95 -10.78
C HIS B 316 1.58 3.72 -10.44
N ASP B 317 2.25 2.69 -9.95
CA ASP B 317 1.60 1.43 -9.62
C ASP B 317 0.94 1.43 -8.26
N ASN B 318 1.06 2.51 -7.50
CA ASN B 318 0.45 2.59 -6.18
C ASN B 318 0.08 4.05 -5.92
N ARG B 319 -0.31 4.34 -4.68
CA ARG B 319 -0.80 5.67 -4.32
C ARG B 319 0.30 6.71 -4.46
N VAL B 320 -0.02 7.81 -5.16
CA VAL B 320 0.87 8.95 -5.26
C VAL B 320 0.85 9.68 -3.92
N SER B 321 1.98 9.64 -3.20
CA SER B 321 2.02 10.19 -1.85
C SER B 321 2.62 11.58 -1.77
N CYS B 322 3.58 11.90 -2.63
CA CYS B 322 4.27 13.18 -2.53
C CYS B 322 4.51 13.76 -3.91
N LEU B 323 4.18 15.05 -4.04
CA LEU B 323 4.47 15.82 -5.24
C LEU B 323 5.51 16.88 -4.92
N GLY B 324 6.13 17.40 -5.97
CA GLY B 324 7.09 18.47 -5.81
C GLY B 324 7.47 19.10 -7.13
N VAL B 325 7.39 20.41 -7.20
CA VAL B 325 7.81 21.17 -8.36
C VAL B 325 9.15 21.81 -8.06
N THR B 326 10.06 21.77 -9.03
CA THR B 326 11.34 22.44 -8.88
C THR B 326 11.12 23.94 -8.71
N ASP B 327 12.07 24.60 -8.04
CA ASP B 327 11.91 26.02 -7.76
C ASP B 327 11.95 26.86 -9.03
N ASP B 328 12.58 26.36 -10.08
CA ASP B 328 12.47 26.98 -11.40
C ASP B 328 11.32 26.40 -12.22
N GLY B 329 10.61 25.41 -11.68
CA GLY B 329 9.46 24.83 -12.34
C GLY B 329 9.77 23.89 -13.48
N MET B 330 11.03 23.49 -13.64
CA MET B 330 11.42 22.74 -14.83
C MET B 330 10.90 21.31 -14.82
N ALA B 331 10.47 20.79 -13.67
CA ALA B 331 10.03 19.41 -13.60
C ALA B 331 9.08 19.22 -12.44
N VAL B 332 8.36 18.10 -12.49
CA VAL B 332 7.45 17.68 -11.43
C VAL B 332 7.86 16.30 -10.98
N ALA B 333 8.26 16.18 -9.71
CA ALA B 333 8.54 14.87 -9.14
C ALA B 333 7.32 14.31 -8.46
N THR B 334 7.08 13.02 -8.63
CA THR B 334 5.93 12.35 -8.04
C THR B 334 6.42 11.07 -7.39
N GLY B 335 6.51 11.06 -6.07
CA GLY B 335 6.80 9.84 -5.36
C GLY B 335 5.53 9.08 -5.04
N SER B 336 5.65 7.76 -4.96
CA SER B 336 4.50 6.92 -4.74
C SER B 336 4.87 5.77 -3.81
N TRP B 337 3.84 5.04 -3.39
CA TRP B 337 4.03 3.91 -2.49
C TRP B 337 4.60 2.70 -3.21
N ASP B 338 4.85 2.80 -4.51
CA ASP B 338 5.49 1.75 -5.28
C ASP B 338 7.00 1.82 -5.24
N SER B 339 7.57 2.71 -4.42
CA SER B 339 8.99 2.90 -4.16
C SER B 339 9.71 3.58 -5.32
N PHE B 340 8.99 4.11 -6.31
CA PHE B 340 9.61 4.77 -7.44
C PHE B 340 9.24 6.25 -7.43
N LEU B 341 10.24 7.09 -7.62
CA LEU B 341 10.07 8.54 -7.72
C LEU B 341 10.30 8.93 -9.18
N LYS B 342 9.25 9.39 -9.85
CA LYS B 342 9.30 9.70 -11.27
C LYS B 342 9.37 11.20 -11.49
N ILE B 343 10.22 11.61 -12.43
CA ILE B 343 10.37 13.00 -12.81
C ILE B 343 9.60 13.23 -14.10
N TRP B 344 8.81 14.29 -14.15
CA TRP B 344 7.94 14.56 -15.28
C TRP B 344 8.26 15.92 -15.87
N ASN B 345 7.97 16.05 -17.17
CA ASN B 345 8.25 17.28 -17.91
C ASN B 345 7.45 17.35 -19.20
N ALA C 6 -12.02 23.97 33.36
CA ALA C 6 -11.72 22.90 32.44
C ALA C 6 -11.90 23.35 30.99
N SER C 7 -13.04 23.03 30.39
CA SER C 7 -13.36 23.44 29.02
C SER C 7 -13.61 24.93 28.88
N ILE C 8 -13.65 25.68 30.00
CA ILE C 8 -13.82 27.12 29.92
C ILE C 8 -12.62 27.75 29.22
N ALA C 9 -11.42 27.23 29.48
CA ALA C 9 -10.23 27.73 28.79
C ALA C 9 -10.28 27.45 27.30
N GLN C 10 -10.79 26.28 26.91
CA GLN C 10 -10.91 25.95 25.50
C GLN C 10 -11.92 26.87 24.81
N ALA C 11 -13.05 27.12 25.48
CA ALA C 11 -14.05 28.01 24.89
C ALA C 11 -13.54 29.44 24.79
N ARG C 12 -12.87 29.94 25.83
CA ARG C 12 -12.37 31.32 25.80
C ARG C 12 -11.27 31.46 24.74
N LYS C 13 -10.42 30.44 24.58
CA LYS C 13 -9.40 30.50 23.55
C LYS C 13 -10.02 30.47 22.15
N LEU C 14 -11.04 29.63 21.94
CA LEU C 14 -11.66 29.58 20.63
C LEU C 14 -12.35 30.89 20.30
N VAL C 15 -13.04 31.51 21.27
CA VAL C 15 -13.76 32.73 20.95
C VAL C 15 -12.78 33.90 20.76
N GLU C 16 -11.68 33.95 21.52
CA GLU C 16 -10.72 35.00 21.25
C GLU C 16 -10.04 34.80 19.90
N GLN C 17 -9.86 33.55 19.47
CA GLN C 17 -9.35 33.31 18.13
C GLN C 17 -10.35 33.73 17.06
N LEU C 18 -11.64 33.48 17.28
CA LEU C 18 -12.66 33.93 16.34
C LEU C 18 -12.71 35.45 16.22
N LYS C 19 -12.59 36.16 17.34
CA LYS C 19 -12.62 37.62 17.23
C LYS C 19 -11.32 38.16 16.66
N MET C 20 -10.19 37.49 16.91
CA MET C 20 -8.94 37.85 16.27
C MET C 20 -9.00 37.63 14.76
N GLU C 21 -9.73 36.62 14.32
CA GLU C 21 -9.88 36.33 12.90
C GLU C 21 -10.93 37.19 12.23
N ALA C 22 -11.90 37.72 12.99
CA ALA C 22 -12.96 38.51 12.40
C ALA C 22 -12.51 39.93 12.05
N ASN C 23 -11.69 40.55 12.89
CA ASN C 23 -11.30 41.94 12.69
C ASN C 23 -10.08 42.00 11.75
N ILE C 24 -10.34 41.67 10.49
CA ILE C 24 -9.32 41.68 9.46
C ILE C 24 -9.86 42.39 8.22
N ASP C 25 -8.94 42.98 7.46
CA ASP C 25 -9.29 43.76 6.27
C ASP C 25 -9.48 42.82 5.09
N ARG C 26 -10.71 42.35 4.93
CA ARG C 26 -11.00 41.44 3.83
C ARG C 26 -11.27 42.21 2.55
N ILE C 27 -11.04 41.53 1.42
CA ILE C 27 -11.16 42.13 0.11
C ILE C 27 -12.22 41.34 -0.66
N LYS C 28 -12.90 42.03 -1.58
CA LYS C 28 -13.86 41.38 -2.45
C LYS C 28 -13.18 40.27 -3.25
N VAL C 29 -13.91 39.18 -3.48
CA VAL C 29 -13.33 38.03 -4.17
C VAL C 29 -12.99 38.38 -5.62
N SER C 30 -13.67 39.40 -6.18
CA SER C 30 -13.38 39.81 -7.55
C SER C 30 -11.98 40.37 -7.68
N LYS C 31 -11.57 41.24 -6.74
CA LYS C 31 -10.23 41.82 -6.82
C LYS C 31 -9.15 40.76 -6.60
N ALA C 32 -9.38 39.85 -5.66
CA ALA C 32 -8.40 38.78 -5.43
C ALA C 32 -8.30 37.87 -6.65
N ALA C 33 -9.43 37.59 -7.30
CA ALA C 33 -9.43 36.82 -8.53
C ALA C 33 -8.66 37.53 -9.63
N ALA C 34 -8.86 38.84 -9.75
CA ALA C 34 -8.14 39.61 -10.76
C ALA C 34 -6.64 39.59 -10.50
N ASP C 35 -6.24 39.75 -9.24
CA ASP C 35 -4.81 39.72 -8.91
C ASP C 35 -4.22 38.34 -9.17
N LEU C 36 -4.98 37.29 -8.87
CA LEU C 36 -4.47 35.92 -9.07
C LEU C 36 -4.29 35.63 -10.55
N MET C 37 -5.29 35.95 -11.37
CA MET C 37 -5.15 35.75 -12.80
C MET C 37 -4.11 36.70 -13.40
N ALA C 38 -3.89 37.86 -12.77
CA ALA C 38 -2.85 38.76 -13.24
C ALA C 38 -1.47 38.18 -13.01
N TYR C 39 -1.26 37.52 -11.87
CA TYR C 39 0.02 36.86 -11.64
C TYR C 39 0.18 35.67 -12.59
N CYS C 40 -0.90 34.92 -12.80
CA CYS C 40 -0.84 33.79 -13.74
C CYS C 40 -0.56 34.25 -15.16
N GLU C 41 -0.99 35.47 -15.52
CA GLU C 41 -0.74 35.99 -16.85
C GLU C 41 0.65 36.60 -16.95
N ALA C 42 1.14 37.18 -15.86
CA ALA C 42 2.45 37.83 -15.88
C ALA C 42 3.58 36.81 -15.91
N HIS C 43 3.45 35.72 -15.15
CA HIS C 43 4.52 34.74 -15.06
C HIS C 43 4.28 33.52 -15.95
N ALA C 44 3.45 33.67 -17.00
CA ALA C 44 3.23 32.56 -17.91
C ALA C 44 4.45 32.27 -18.77
N LYS C 45 5.28 33.29 -19.04
CA LYS C 45 6.45 33.08 -19.88
C LYS C 45 7.52 32.26 -19.18
N GLU C 46 7.57 32.32 -17.85
CA GLU C 46 8.59 31.62 -17.08
C GLU C 46 8.10 30.28 -16.54
N ASP C 47 7.02 29.75 -17.09
CA ASP C 47 6.48 28.47 -16.66
C ASP C 47 6.86 27.41 -17.68
N PRO C 48 7.83 26.54 -17.39
CA PRO C 48 8.17 25.46 -18.34
C PRO C 48 7.29 24.23 -18.24
N LEU C 49 6.26 24.26 -17.39
CA LEU C 49 5.23 23.23 -17.40
C LEU C 49 3.98 23.68 -18.12
N LEU C 50 3.64 24.97 -18.03
CA LEU C 50 2.54 25.53 -18.81
C LEU C 50 2.90 25.55 -20.29
N THR C 51 4.01 26.18 -20.64
CA THR C 51 4.54 26.17 -21.99
C THR C 51 5.70 25.18 -22.04
N PRO C 52 5.64 24.16 -22.87
CA PRO C 52 6.71 23.14 -22.90
C PRO C 52 8.03 23.76 -23.37
N VAL C 53 9.02 23.72 -22.50
CA VAL C 53 10.33 24.31 -22.81
C VAL C 53 10.98 23.50 -23.93
N PRO C 54 11.67 24.13 -24.88
CA PRO C 54 12.36 23.37 -25.92
C PRO C 54 13.44 22.47 -25.33
N ALA C 55 13.63 21.31 -25.96
CA ALA C 55 14.57 20.31 -25.46
C ALA C 55 16.01 20.81 -25.47
N SER C 56 16.31 21.89 -26.18
CA SER C 56 17.67 22.42 -26.20
C SER C 56 18.10 22.89 -24.82
N GLU C 57 17.17 23.40 -24.03
CA GLU C 57 17.43 23.85 -22.67
C GLU C 57 16.56 23.10 -21.67
N ASN C 58 16.35 21.81 -21.91
CA ASN C 58 15.60 20.94 -21.02
C ASN C 58 16.58 19.97 -20.39
N PRO C 59 16.95 20.15 -19.11
CA PRO C 59 18.00 19.29 -18.53
C PRO C 59 17.58 17.86 -18.30
N PHE C 60 16.28 17.56 -18.35
CA PHE C 60 15.76 16.23 -18.06
C PHE C 60 15.61 15.36 -19.30
N ARG C 61 16.02 15.84 -20.46
CA ARG C 61 15.90 15.10 -21.71
C ARG C 61 16.71 13.80 -21.67
N GLN D 3 -17.67 24.30 6.09
CA GLN D 3 -17.68 24.00 7.51
C GLN D 3 -18.55 22.79 7.81
N VAL D 4 -17.94 21.72 8.32
CA VAL D 4 -18.70 20.56 8.76
C VAL D 4 -19.38 20.89 10.08
N GLN D 5 -20.68 21.16 10.01
CA GLN D 5 -21.47 21.53 11.18
C GLN D 5 -22.47 20.43 11.48
N LEU D 6 -22.45 19.95 12.72
CA LEU D 6 -23.33 18.86 13.16
C LEU D 6 -23.96 19.29 14.49
N GLN D 7 -25.08 19.99 14.39
CA GLN D 7 -25.86 20.34 15.57
C GLN D 7 -27.04 19.38 15.71
N GLU D 8 -27.42 19.11 16.96
CA GLU D 8 -28.36 18.05 17.27
C GLU D 8 -29.46 18.60 18.19
N SER D 9 -30.64 18.00 18.11
CA SER D 9 -31.74 18.40 18.96
C SER D 9 -32.60 17.19 19.27
N GLY D 10 -33.54 17.37 20.19
CA GLY D 10 -34.49 16.33 20.53
C GLY D 10 -34.20 15.54 21.79
N GLY D 11 -33.18 15.92 22.57
CA GLY D 11 -32.86 15.19 23.78
C GLY D 11 -33.76 15.54 24.95
N GLY D 12 -33.20 15.62 26.15
CA GLY D 12 -33.93 16.02 27.33
C GLY D 12 -34.13 14.89 28.32
N LEU D 13 -35.10 15.11 29.20
CA LEU D 13 -35.42 14.19 30.29
C LEU D 13 -36.62 13.31 29.90
N VAL D 14 -36.51 12.02 30.20
CA VAL D 14 -37.58 11.07 29.93
C VAL D 14 -37.54 10.01 31.02
N GLN D 15 -38.71 9.45 31.32
CA GLN D 15 -38.81 8.40 32.32
C GLN D 15 -38.38 7.05 31.73
N PRO D 16 -37.86 6.14 32.56
CA PRO D 16 -37.48 4.81 32.07
C PRO D 16 -38.62 4.11 31.35
N GLY D 17 -38.33 3.60 30.15
CA GLY D 17 -39.33 3.00 29.31
C GLY D 17 -39.93 3.91 28.27
N GLY D 18 -39.54 5.18 28.25
CA GLY D 18 -40.07 6.14 27.31
C GLY D 18 -39.50 5.98 25.91
N SER D 19 -39.67 7.03 25.11
CA SER D 19 -39.21 7.00 23.73
C SER D 19 -38.71 8.38 23.33
N LEU D 20 -37.60 8.41 22.60
CA LEU D 20 -36.99 9.67 22.16
C LEU D 20 -36.49 9.52 20.73
N ARG D 21 -36.43 10.66 20.04
CA ARG D 21 -35.96 10.73 18.65
C ARG D 21 -35.03 11.92 18.51
N LEU D 22 -33.73 11.66 18.39
CA LEU D 22 -32.74 12.72 18.21
C LEU D 22 -32.51 12.97 16.73
N SER D 23 -32.67 14.21 16.30
CA SER D 23 -32.45 14.60 14.91
C SER D 23 -31.08 15.26 14.78
N CYS D 24 -30.30 14.78 13.81
CA CYS D 24 -28.94 15.25 13.58
C CYS D 24 -28.91 16.01 12.26
N ALA D 25 -29.02 17.33 12.33
CA ALA D 25 -29.06 18.18 11.14
C ALA D 25 -27.64 18.44 10.68
N ALA D 26 -27.20 17.69 9.68
CA ALA D 26 -25.87 17.86 9.12
C ALA D 26 -25.87 18.98 8.08
N SER D 27 -24.80 19.77 8.08
CA SER D 27 -24.66 20.88 7.13
C SER D 27 -23.19 21.11 6.84
N GLY D 28 -22.84 21.18 5.57
CA GLY D 28 -21.48 21.46 5.15
C GLY D 28 -20.78 20.31 4.45
N PHE D 29 -21.40 19.13 4.37
CA PHE D 29 -20.83 17.99 3.68
C PHE D 29 -21.98 17.20 3.09
N THR D 30 -21.80 16.74 1.84
CA THR D 30 -22.86 16.06 1.11
C THR D 30 -23.22 14.76 1.80
N PHE D 31 -24.40 14.76 2.44
CA PHE D 31 -24.74 13.75 3.44
C PHE D 31 -24.69 12.33 2.89
N SER D 32 -25.08 12.15 1.62
CA SER D 32 -25.19 10.82 1.04
C SER D 32 -23.85 10.16 0.78
N ASN D 33 -22.73 10.87 0.93
CA ASN D 33 -21.44 10.37 0.50
C ASN D 33 -20.68 9.60 1.58
N TYR D 34 -21.02 9.75 2.86
CA TYR D 34 -20.15 9.29 3.93
C TYR D 34 -20.95 8.55 5.00
N LYS D 35 -20.30 7.55 5.59
CA LYS D 35 -20.94 6.72 6.61
C LYS D 35 -21.15 7.51 7.89
N MET D 36 -22.31 7.33 8.50
CA MET D 36 -22.71 8.08 9.68
C MET D 36 -22.93 7.14 10.85
N ASN D 37 -22.87 7.67 12.06
CA ASN D 37 -23.12 6.85 13.24
C ASN D 37 -23.39 7.75 14.45
N TRP D 38 -23.87 7.12 15.52
CA TRP D 38 -24.10 7.77 16.80
C TRP D 38 -23.10 7.24 17.82
N VAL D 39 -22.56 8.13 18.63
CA VAL D 39 -21.81 7.75 19.82
C VAL D 39 -22.39 8.49 21.02
N ARG D 40 -22.09 7.98 22.21
CA ARG D 40 -22.62 8.53 23.45
C ARG D 40 -21.55 8.49 24.52
N GLN D 41 -21.58 9.48 25.41
CA GLN D 41 -20.61 9.58 26.51
C GLN D 41 -21.38 9.58 27.82
N ALA D 42 -21.52 8.41 28.43
CA ALA D 42 -22.16 8.32 29.73
C ALA D 42 -21.32 9.02 30.78
N PRO D 43 -21.95 9.50 31.87
CA PRO D 43 -21.18 10.07 32.98
C PRO D 43 -20.20 9.05 33.55
N GLY D 44 -18.92 9.38 33.51
CA GLY D 44 -17.88 8.43 33.85
C GLY D 44 -16.75 8.45 32.85
N LYS D 45 -16.81 9.41 31.93
CA LYS D 45 -15.74 9.68 30.96
C LYS D 45 -15.51 8.47 30.06
N GLY D 46 -16.53 8.06 29.32
CA GLY D 46 -16.35 7.03 28.31
C GLY D 46 -17.15 7.27 27.04
N LEU D 47 -16.46 7.41 25.91
CA LEU D 47 -17.11 7.54 24.61
C LEU D 47 -17.26 6.15 24.00
N GLU D 48 -18.51 5.74 23.78
CA GLU D 48 -18.82 4.45 23.18
C GLU D 48 -19.63 4.65 21.91
N TRP D 49 -19.32 3.84 20.89
CA TRP D 49 -20.09 3.86 19.66
C TRP D 49 -21.44 3.17 19.88
N VAL D 50 -22.47 3.68 19.22
CA VAL D 50 -23.83 3.21 19.41
C VAL D 50 -24.33 2.41 18.21
N SER D 51 -24.27 2.99 17.01
CA SER D 51 -24.97 2.42 15.87
C SER D 51 -24.48 3.02 14.57
N ASP D 52 -24.09 2.15 13.63
CA ASP D 52 -23.62 2.55 12.31
C ASP D 52 -24.74 2.56 11.29
N ILE D 53 -24.55 3.37 10.25
CA ILE D 53 -25.45 3.39 9.09
C ILE D 53 -24.66 3.76 7.84
N SER D 54 -24.75 2.94 6.81
CA SER D 54 -24.00 3.16 5.58
C SER D 54 -24.50 4.40 4.84
N GLN D 55 -23.87 4.68 3.70
CA GLN D 55 -24.23 5.85 2.90
C GLN D 55 -25.68 5.79 2.44
N SER D 56 -26.08 4.65 1.87
CA SER D 56 -27.43 4.50 1.35
C SER D 56 -28.45 4.18 2.44
N GLY D 57 -27.99 3.80 3.62
CA GLY D 57 -28.90 3.40 4.68
C GLY D 57 -29.29 1.94 4.66
N ALA D 58 -28.58 1.11 3.91
CA ALA D 58 -28.92 -0.31 3.84
C ALA D 58 -28.28 -1.12 4.95
N SER D 59 -27.04 -0.79 5.33
CA SER D 59 -26.30 -1.56 6.33
C SER D 59 -26.31 -0.80 7.65
N ILE D 60 -27.00 -1.35 8.64
CA ILE D 60 -27.15 -0.72 9.94
C ILE D 60 -26.65 -1.69 11.01
N SER D 61 -25.72 -1.24 11.83
CA SER D 61 -25.23 -2.01 12.97
C SER D 61 -25.61 -1.30 14.26
N TYR D 62 -25.51 -2.01 15.38
CA TYR D 62 -25.81 -1.45 16.68
C TYR D 62 -24.86 -2.02 17.72
N THR D 63 -24.59 -1.22 18.75
CA THR D 63 -23.98 -1.75 19.96
C THR D 63 -24.95 -2.73 20.61
N GLY D 64 -24.40 -3.78 21.22
CA GLY D 64 -25.23 -4.84 21.78
C GLY D 64 -26.27 -4.34 22.77
N SER D 65 -25.89 -3.37 23.60
CA SER D 65 -26.79 -2.90 24.65
C SER D 65 -27.97 -2.09 24.12
N VAL D 66 -27.99 -1.74 22.83
CA VAL D 66 -29.06 -0.95 22.25
C VAL D 66 -29.68 -1.59 21.01
N LYS D 67 -29.36 -2.85 20.73
CA LYS D 67 -29.94 -3.50 19.56
C LYS D 67 -31.38 -3.93 19.85
N GLY D 68 -32.23 -3.80 18.83
CA GLY D 68 -33.63 -4.11 18.96
C GLY D 68 -34.46 -3.04 19.66
N ARG D 69 -33.82 -2.17 20.45
CA ARG D 69 -34.49 -1.08 21.12
C ARG D 69 -34.14 0.29 20.55
N PHE D 70 -33.01 0.40 19.85
CA PHE D 70 -32.64 1.61 19.14
C PHE D 70 -32.73 1.34 17.64
N THR D 71 -33.16 2.36 16.90
CA THR D 71 -33.20 2.26 15.44
C THR D 71 -32.89 3.62 14.83
N ILE D 72 -32.03 3.62 13.82
CA ILE D 72 -31.57 4.84 13.15
C ILE D 72 -32.01 4.82 11.69
N SER D 73 -32.47 5.96 11.21
CA SER D 73 -32.70 6.19 9.79
C SER D 73 -31.90 7.41 9.34
N ARG D 74 -31.81 7.57 8.02
CA ARG D 74 -31.15 8.74 7.46
C ARG D 74 -31.94 9.24 6.27
N ASP D 75 -32.05 10.57 6.16
CA ASP D 75 -32.73 11.23 5.06
C ASP D 75 -31.68 12.00 4.27
N ASN D 76 -31.13 11.34 3.25
CA ASN D 76 -30.13 11.97 2.40
C ASN D 76 -30.67 13.18 1.65
N ALA D 77 -32.00 13.32 1.56
CA ALA D 77 -32.57 14.48 0.90
C ALA D 77 -32.51 15.72 1.81
N LYS D 78 -32.89 15.56 3.07
CA LYS D 78 -32.85 16.66 4.03
C LYS D 78 -31.53 16.74 4.79
N ASN D 79 -30.62 15.79 4.57
CA ASN D 79 -29.34 15.72 5.27
C ASN D 79 -29.55 15.67 6.79
N THR D 80 -30.33 14.69 7.23
CA THR D 80 -30.64 14.52 8.63
C THR D 80 -30.46 13.06 9.03
N LEU D 81 -30.05 12.84 10.29
CA LEU D 81 -29.90 11.52 10.86
C LEU D 81 -30.76 11.43 12.12
N TYR D 82 -31.49 10.33 12.28
CA TYR D 82 -32.38 10.13 13.40
C TYR D 82 -31.95 8.95 14.25
N LEU D 83 -32.28 9.01 15.53
CA LEU D 83 -32.07 7.91 16.47
C LEU D 83 -33.33 7.76 17.31
N GLN D 84 -34.21 6.85 16.89
CA GLN D 84 -35.41 6.55 17.64
C GLN D 84 -35.05 5.64 18.81
N MET D 85 -35.24 6.15 20.02
CA MET D 85 -34.75 5.50 21.23
C MET D 85 -35.94 4.90 21.99
N ASN D 86 -36.23 3.63 21.75
CA ASN D 86 -37.38 2.97 22.35
C ASN D 86 -36.99 2.20 23.59
N SER D 87 -37.87 2.24 24.61
CA SER D 87 -37.70 1.50 25.87
C SER D 87 -36.38 1.83 26.55
N LEU D 88 -36.29 3.07 27.01
CA LEU D 88 -35.04 3.57 27.60
C LEU D 88 -34.86 3.10 29.04
N LYS D 89 -33.60 2.87 29.40
CA LYS D 89 -33.17 2.40 30.70
C LYS D 89 -32.33 3.48 31.38
N PRO D 90 -32.27 3.51 32.72
CA PRO D 90 -31.40 4.46 33.40
C PRO D 90 -29.92 4.33 33.07
N GLU D 91 -29.48 3.24 32.44
CA GLU D 91 -28.11 3.18 31.96
C GLU D 91 -27.90 4.01 30.69
N ASP D 92 -28.98 4.38 30.00
CA ASP D 92 -28.89 5.10 28.74
C ASP D 92 -28.64 6.60 28.94
N THR D 93 -28.50 7.04 30.18
CA THR D 93 -28.13 8.43 30.44
C THR D 93 -26.74 8.71 29.89
N ALA D 94 -26.67 9.61 28.91
CA ALA D 94 -25.43 9.96 28.25
C ALA D 94 -25.71 11.16 27.35
N VAL D 95 -24.64 11.88 27.01
CA VAL D 95 -24.70 12.89 25.95
C VAL D 95 -24.42 12.18 24.63
N TYR D 96 -25.43 12.11 23.77
CA TYR D 96 -25.34 11.37 22.53
C TYR D 96 -24.80 12.29 21.43
N TYR D 97 -23.66 11.92 20.85
CA TYR D 97 -23.04 12.69 19.78
C TYR D 97 -23.31 12.03 18.44
N CYS D 98 -23.86 12.81 17.50
CA CYS D 98 -23.99 12.36 16.13
C CYS D 98 -22.69 12.64 15.39
N ALA D 99 -22.01 11.59 14.96
CA ALA D 99 -20.70 11.69 14.35
C ALA D 99 -20.71 11.07 12.96
N ARG D 100 -19.84 11.57 12.09
CA ARG D 100 -19.58 10.94 10.80
C ARG D 100 -18.09 10.66 10.68
N CYS D 101 -17.89 9.56 9.96
CA CYS D 101 -16.57 9.06 9.74
C CYS D 101 -15.80 10.00 8.92
N PRO D 102 -14.49 9.86 8.93
CA PRO D 102 -13.71 10.89 8.28
C PRO D 102 -13.63 11.02 6.78
N ALA D 103 -14.03 10.06 5.97
CA ALA D 103 -13.82 10.05 4.53
C ALA D 103 -15.00 9.41 3.82
N PRO D 104 -15.46 10.03 2.73
CA PRO D 104 -16.59 9.47 1.99
C PRO D 104 -16.18 8.24 1.18
N PHE D 105 -17.20 7.44 0.85
CA PHE D 105 -17.04 6.21 0.06
C PHE D 105 -16.10 5.22 0.73
N THR D 106 -16.05 5.22 2.06
CA THR D 106 -15.24 4.26 2.81
C THR D 106 -16.12 3.40 3.69
N ARG D 107 -15.84 2.10 3.72
CA ARG D 107 -16.50 1.21 4.65
C ARG D 107 -15.91 1.36 6.05
N ASP D 108 -14.65 1.77 6.14
CA ASP D 108 -13.99 1.98 7.42
C ASP D 108 -14.57 3.21 8.10
N CYS D 109 -14.76 3.12 9.41
CA CYS D 109 -15.30 4.24 10.17
C CYS D 109 -14.32 4.53 11.32
N PHE D 110 -13.34 5.38 11.04
CA PHE D 110 -12.25 5.64 11.98
C PHE D 110 -12.60 6.72 12.99
N ASP D 111 -12.25 6.46 14.25
CA ASP D 111 -12.05 7.47 15.29
C ASP D 111 -13.30 8.27 15.61
N VAL D 112 -14.49 7.71 15.36
CA VAL D 112 -15.71 8.38 15.76
C VAL D 112 -15.79 8.46 17.29
N THR D 113 -15.22 7.46 17.98
CA THR D 113 -15.23 7.42 19.43
C THR D 113 -13.98 8.03 20.04
N SER D 114 -13.19 8.77 19.26
CA SER D 114 -11.98 9.37 19.79
C SER D 114 -12.34 10.51 20.75
N THR D 115 -11.37 10.84 21.61
CA THR D 115 -11.62 11.83 22.66
C THR D 115 -11.83 13.22 22.10
N THR D 116 -11.17 13.56 21.00
CA THR D 116 -11.22 14.89 20.41
C THR D 116 -11.43 14.82 18.90
N TYR D 117 -12.37 13.98 18.46
CA TYR D 117 -12.69 13.87 17.05
C TYR D 117 -13.18 15.21 16.51
N ALA D 118 -12.93 15.43 15.21
CA ALA D 118 -13.23 16.71 14.58
C ALA D 118 -14.61 16.76 13.95
N TYR D 119 -15.04 15.66 13.33
CA TYR D 119 -16.33 15.59 12.65
C TYR D 119 -17.39 14.94 13.51
N ARG D 120 -17.36 15.20 14.81
CA ARG D 120 -18.34 14.67 15.75
C ARG D 120 -19.16 15.83 16.27
N GLY D 121 -20.48 15.64 16.37
CA GLY D 121 -21.37 16.70 16.78
C GLY D 121 -21.11 17.16 18.20
N GLN D 122 -21.80 18.25 18.56
CA GLN D 122 -21.67 18.81 19.90
C GLN D 122 -22.44 18.03 20.95
N GLY D 123 -23.29 17.09 20.55
CA GLY D 123 -23.97 16.22 21.49
C GLY D 123 -25.20 16.79 22.13
N THR D 124 -26.17 15.91 22.43
CA THR D 124 -27.37 16.27 23.18
C THR D 124 -27.48 15.34 24.37
N GLN D 125 -27.82 15.92 25.53
CA GLN D 125 -27.89 15.15 26.76
C GLN D 125 -29.26 14.49 26.88
N VAL D 126 -29.27 13.17 27.10
CA VAL D 126 -30.49 12.39 27.25
C VAL D 126 -30.44 11.76 28.63
N THR D 127 -31.21 12.30 29.57
CA THR D 127 -31.25 11.80 30.94
C THR D 127 -32.48 10.94 31.14
N VAL D 128 -32.28 9.75 31.71
CA VAL D 128 -33.37 8.83 31.99
C VAL D 128 -33.56 8.69 33.50
N SER E 113 -3.19 -46.81 -40.37
CA SER E 113 -1.87 -47.04 -40.92
C SER E 113 -0.82 -46.41 -40.02
N PRO E 114 0.32 -47.09 -39.83
CA PRO E 114 1.41 -46.53 -39.02
C PRO E 114 1.89 -45.20 -39.59
N GLU E 115 2.03 -45.09 -40.90
CA GLU E 115 2.45 -43.84 -41.52
C GLU E 115 1.48 -42.75 -41.13
N GLU E 116 0.19 -43.03 -41.30
CA GLU E 116 -0.82 -42.05 -40.93
C GLU E 116 -0.67 -41.63 -39.49
N GLN E 117 -0.55 -42.60 -38.59
CA GLN E 117 -0.42 -42.29 -37.18
C GLN E 117 0.75 -41.35 -36.95
N LEU E 118 1.90 -41.68 -37.51
CA LEU E 118 3.07 -40.84 -37.34
C LEU E 118 2.90 -39.42 -37.89
N LEU E 119 2.32 -39.27 -39.07
CA LEU E 119 2.25 -37.92 -39.63
C LEU E 119 1.12 -37.12 -39.04
N PHE E 120 0.36 -37.73 -38.15
CA PHE E 120 -0.82 -37.08 -37.63
C PHE E 120 -0.32 -36.66 -36.30
N LEU E 121 0.98 -36.82 -36.13
CA LEU E 121 1.52 -36.60 -34.80
C LEU E 121 2.61 -35.55 -34.81
N TYR E 122 3.60 -35.73 -35.66
CA TYR E 122 4.72 -34.80 -35.74
C TYR E 122 4.29 -33.43 -36.18
N ILE E 123 3.36 -33.33 -37.12
CA ILE E 123 2.99 -31.99 -37.53
C ILE E 123 2.22 -31.30 -36.44
N ILE E 124 1.40 -32.04 -35.71
CA ILE E 124 0.64 -31.49 -34.61
C ILE E 124 1.54 -31.09 -33.45
N TYR E 125 2.58 -31.90 -33.22
CA TYR E 125 3.53 -31.53 -32.18
C TYR E 125 4.36 -30.34 -32.56
N THR E 126 4.59 -30.09 -33.84
CA THR E 126 5.29 -28.87 -34.19
C THR E 126 4.29 -27.75 -34.00
N VAL E 127 3.04 -28.03 -34.34
CA VAL E 127 1.97 -27.08 -34.18
C VAL E 127 1.97 -26.79 -32.70
N GLY E 128 1.97 -27.83 -31.86
CA GLY E 128 2.11 -27.55 -30.45
C GLY E 128 3.34 -26.73 -30.12
N TYR E 129 4.49 -27.12 -30.68
CA TYR E 129 5.71 -26.33 -30.49
C TYR E 129 5.59 -24.96 -31.13
N ALA E 130 4.91 -24.86 -32.27
CA ALA E 130 4.77 -23.55 -32.93
C ALA E 130 3.90 -22.61 -32.11
N LEU E 131 2.78 -23.11 -31.58
CA LEU E 131 1.92 -22.30 -30.74
C LEU E 131 2.63 -21.93 -29.45
N SER E 132 3.37 -22.88 -28.85
CA SER E 132 4.13 -22.58 -27.65
C SER E 132 5.16 -21.49 -27.93
N PHE E 133 5.85 -21.57 -29.05
CA PHE E 133 6.87 -20.59 -29.39
C PHE E 133 6.25 -19.21 -29.60
N SER E 134 5.15 -19.14 -30.35
CA SER E 134 4.52 -17.85 -30.62
C SER E 134 3.99 -17.21 -29.35
N ALA E 135 3.10 -17.92 -28.64
CA ALA E 135 2.55 -17.40 -27.39
C ALA E 135 3.64 -17.14 -26.37
N LEU E 136 4.76 -17.85 -26.46
CA LEU E 136 5.78 -17.77 -25.44
C LEU E 136 6.75 -16.63 -25.70
N VAL E 137 7.04 -16.30 -26.95
CA VAL E 137 7.79 -15.09 -27.22
C VAL E 137 6.91 -13.86 -26.95
N ILE E 138 5.61 -13.97 -27.21
CA ILE E 138 4.69 -12.91 -26.78
C ILE E 138 4.74 -12.74 -25.28
N ALA E 139 4.73 -13.86 -24.55
CA ALA E 139 4.76 -13.81 -23.09
C ALA E 139 6.08 -13.27 -22.57
N SER E 140 7.19 -13.63 -23.22
CA SER E 140 8.49 -13.10 -22.81
C SER E 140 8.55 -11.59 -23.02
N ALA E 141 8.06 -11.12 -24.17
CA ALA E 141 8.02 -9.68 -24.42
C ALA E 141 7.14 -8.98 -23.40
N ILE E 142 6.02 -9.61 -23.02
CA ILE E 142 5.12 -9.00 -22.04
C ILE E 142 5.80 -8.92 -20.68
N LEU E 143 6.45 -10.00 -20.25
CA LEU E 143 7.13 -10.00 -18.97
C LEU E 143 8.31 -9.03 -18.94
N LEU E 144 8.90 -8.75 -20.10
CA LEU E 144 10.04 -7.84 -20.13
C LEU E 144 9.66 -6.38 -20.27
N GLY E 145 8.57 -6.07 -20.97
CA GLY E 145 8.28 -4.70 -21.34
C GLY E 145 7.44 -3.87 -20.40
N PHE E 146 7.02 -4.41 -19.24
CA PHE E 146 6.15 -3.67 -18.34
C PHE E 146 6.86 -3.08 -17.14
N ARG E 147 7.98 -3.71 -16.74
CA ARG E 147 8.78 -3.30 -15.57
C ARG E 147 8.12 -3.63 -14.24
N HIS E 148 6.81 -3.44 -14.17
CA HIS E 148 6.17 -3.71 -12.90
C HIS E 148 6.10 -5.19 -12.62
N LEU E 149 6.05 -6.02 -13.67
CA LEU E 149 6.15 -7.45 -13.51
C LEU E 149 7.57 -7.91 -13.19
N HIS E 150 8.55 -7.01 -13.29
CA HIS E 150 9.94 -7.38 -13.00
C HIS E 150 10.07 -7.75 -11.53
N CYS E 151 10.08 -9.05 -11.27
CA CYS E 151 10.40 -9.57 -9.94
C CYS E 151 11.44 -10.66 -10.13
N THR E 152 11.79 -11.38 -9.06
CA THR E 152 12.69 -12.51 -9.22
C THR E 152 11.96 -13.75 -9.69
N ARG E 153 10.71 -13.95 -9.27
CA ARG E 153 9.93 -15.06 -9.79
C ARG E 153 9.63 -14.86 -11.27
N ASN E 154 9.47 -13.61 -11.71
CA ASN E 154 9.26 -13.37 -13.14
C ASN E 154 10.56 -13.48 -13.92
N TYR E 155 11.71 -13.29 -13.27
CA TYR E 155 12.97 -13.58 -13.95
C TYR E 155 13.14 -15.09 -14.12
N ILE E 156 12.78 -15.87 -13.10
CA ILE E 156 12.76 -17.33 -13.27
C ILE E 156 11.76 -17.72 -14.35
N HIS E 157 10.63 -17.03 -14.42
CA HIS E 157 9.65 -17.30 -15.47
C HIS E 157 10.20 -16.97 -16.85
N LEU E 158 10.93 -15.86 -16.97
CA LEU E 158 11.51 -15.49 -18.26
C LEU E 158 12.57 -16.50 -18.68
N ASN E 159 13.35 -16.99 -17.72
CA ASN E 159 14.33 -18.03 -18.05
C ASN E 159 13.64 -19.32 -18.46
N LEU E 160 12.56 -19.69 -17.78
CA LEU E 160 11.83 -20.90 -18.16
C LEU E 160 11.21 -20.75 -19.54
N PHE E 161 10.71 -19.55 -19.85
CA PHE E 161 10.17 -19.28 -21.18
C PHE E 161 11.26 -19.39 -22.23
N ALA E 162 12.43 -18.80 -21.96
CA ALA E 162 13.55 -18.87 -22.91
C ALA E 162 14.00 -20.31 -23.10
N SER E 163 13.95 -21.13 -22.05
CA SER E 163 14.40 -22.52 -22.21
C SER E 163 13.36 -23.35 -22.98
N PHE E 164 12.08 -23.11 -22.73
CA PHE E 164 11.04 -23.73 -23.55
C PHE E 164 11.17 -23.31 -25.02
N ILE E 165 11.48 -22.03 -25.25
CA ILE E 165 11.71 -21.55 -26.61
C ILE E 165 12.93 -22.24 -27.22
N LEU E 166 13.96 -22.45 -26.41
CA LEU E 166 15.15 -23.14 -26.89
C LEU E 166 14.82 -24.57 -27.30
N ARG E 167 14.03 -25.27 -26.50
CA ARG E 167 13.68 -26.63 -26.88
C ARG E 167 12.74 -26.66 -28.09
N ALA E 168 11.88 -25.65 -28.23
CA ALA E 168 10.99 -25.59 -29.38
C ALA E 168 11.77 -25.37 -30.67
N LEU E 169 12.62 -24.34 -30.69
CA LEU E 169 13.48 -24.11 -31.84
C LEU E 169 14.42 -25.27 -32.07
N SER E 170 14.85 -25.94 -31.00
CA SER E 170 15.78 -27.04 -31.15
C SER E 170 15.13 -28.24 -31.81
N VAL E 171 13.87 -28.53 -31.46
CA VAL E 171 13.16 -29.60 -32.13
C VAL E 171 12.82 -29.20 -33.56
N PHE E 172 12.51 -27.92 -33.77
CA PHE E 172 12.34 -27.41 -35.12
C PHE E 172 13.57 -27.68 -35.99
N ILE E 173 14.76 -27.41 -35.46
CA ILE E 173 15.99 -27.70 -36.17
C ILE E 173 16.16 -29.21 -36.37
N LYS E 174 16.08 -29.93 -35.28
CA LYS E 174 16.27 -31.32 -35.41
C LYS E 174 15.40 -31.89 -36.53
N ASP E 175 14.13 -31.52 -36.61
CA ASP E 175 13.22 -32.10 -37.60
C ASP E 175 13.40 -31.52 -38.99
N ALA E 176 13.89 -30.28 -39.02
CA ALA E 176 14.21 -29.57 -40.24
C ALA E 176 15.62 -29.92 -40.76
N ALA E 177 16.61 -30.03 -39.88
CA ALA E 177 17.97 -30.36 -40.32
C ALA E 177 17.98 -31.74 -40.97
N LEU E 178 17.33 -32.67 -40.28
CA LEU E 178 17.22 -34.03 -40.79
C LEU E 178 16.51 -33.97 -42.12
N LYS E 179 15.44 -33.20 -42.20
CA LYS E 179 14.71 -33.07 -43.44
C LYS E 179 15.59 -32.46 -44.50
N TRP E 180 16.31 -31.38 -44.26
CA TRP E 180 17.15 -30.88 -45.37
C TRP E 180 17.99 -32.02 -45.94
N MET E 181 18.69 -32.73 -45.06
CA MET E 181 19.55 -33.81 -45.50
C MET E 181 18.75 -34.91 -46.19
N TYR E 182 17.61 -35.28 -45.64
CA TYR E 182 16.84 -36.36 -46.21
C TYR E 182 16.39 -35.95 -47.61
N SER E 183 15.94 -34.71 -47.74
CA SER E 183 15.48 -34.26 -49.04
C SER E 183 16.59 -34.47 -50.06
N THR E 184 17.81 -34.07 -49.72
CA THR E 184 18.91 -34.19 -50.67
C THR E 184 19.26 -35.62 -51.05
N ALA E 185 19.28 -36.52 -50.08
CA ALA E 185 19.60 -37.92 -50.35
C ALA E 185 18.56 -38.54 -51.26
N ALA E 186 17.30 -38.23 -51.02
CA ALA E 186 16.23 -38.80 -51.81
C ALA E 186 15.90 -37.94 -53.02
N GLN E 187 16.59 -36.81 -53.17
CA GLN E 187 16.29 -35.91 -54.28
C GLN E 187 16.54 -36.61 -55.59
N GLN E 188 17.66 -37.33 -55.68
CA GLN E 188 18.01 -38.01 -56.91
C GLN E 188 18.80 -39.27 -56.61
N HIS E 189 18.33 -40.11 -55.69
CA HIS E 189 19.12 -41.28 -55.30
C HIS E 189 20.54 -40.81 -55.07
N GLN E 190 20.69 -39.65 -54.45
CA GLN E 190 22.01 -39.08 -54.26
C GLN E 190 22.83 -39.89 -53.28
N TRP E 191 22.35 -40.04 -52.04
CA TRP E 191 23.10 -40.74 -50.99
C TRP E 191 24.35 -39.97 -50.54
N ASP E 192 25.12 -39.45 -51.50
CA ASP E 192 26.29 -38.64 -51.16
C ASP E 192 25.82 -37.21 -50.91
N GLY E 193 26.71 -36.36 -50.41
CA GLY E 193 26.34 -35.00 -50.07
C GLY E 193 25.44 -35.02 -48.85
N LEU E 194 25.35 -36.19 -48.20
CA LEU E 194 24.51 -36.32 -47.01
C LEU E 194 25.30 -37.05 -45.95
N LEU E 195 26.01 -38.09 -46.35
CA LEU E 195 26.83 -38.86 -45.42
C LEU E 195 27.93 -38.00 -44.84
N SER E 196 28.48 -37.10 -45.64
CA SER E 196 29.62 -36.30 -45.18
C SER E 196 29.34 -35.45 -43.95
N TYR E 197 28.17 -34.83 -43.87
CA TYR E 197 27.85 -33.98 -42.73
C TYR E 197 27.78 -34.75 -41.41
N GLN E 198 27.25 -35.96 -41.47
CA GLN E 198 27.17 -36.77 -40.27
C GLN E 198 28.56 -37.03 -39.75
N ASP E 199 29.49 -37.25 -40.66
CA ASP E 199 30.88 -37.45 -40.24
C ASP E 199 31.57 -36.12 -40.02
N SER E 200 30.88 -35.01 -40.25
CA SER E 200 31.51 -33.68 -40.14
C SER E 200 31.34 -33.00 -38.79
N LEU E 201 30.72 -33.68 -37.84
CA LEU E 201 30.49 -33.11 -36.52
C LEU E 201 29.69 -31.83 -36.64
N SER E 202 29.07 -31.60 -37.79
CA SER E 202 28.24 -30.43 -37.88
C SER E 202 26.83 -30.84 -37.45
N CYS E 203 26.63 -32.13 -37.22
CA CYS E 203 25.33 -32.58 -36.75
C CYS E 203 25.45 -33.19 -35.35
N ARG E 204 26.63 -33.77 -35.05
CA ARG E 204 26.91 -34.17 -33.68
C ARG E 204 26.76 -33.00 -32.72
N LEU E 205 27.30 -31.84 -33.08
CA LEU E 205 27.21 -30.68 -32.20
C LEU E 205 25.80 -30.11 -32.15
N VAL E 206 25.05 -30.17 -33.25
CA VAL E 206 23.69 -29.67 -33.20
C VAL E 206 22.81 -30.61 -32.38
N PHE E 207 23.11 -31.91 -32.39
CA PHE E 207 22.39 -32.83 -31.53
C PHE E 207 22.78 -32.65 -30.07
N LEU E 208 24.04 -32.29 -29.82
CA LEU E 208 24.43 -31.95 -28.45
C LEU E 208 23.70 -30.71 -27.96
N LEU E 209 23.55 -29.72 -28.84
CA LEU E 209 22.73 -28.55 -28.50
C LEU E 209 21.28 -28.94 -28.27
N MET E 210 20.78 -29.92 -29.03
CA MET E 210 19.41 -30.38 -28.82
C MET E 210 19.25 -31.02 -27.45
N GLN E 211 20.14 -31.93 -27.11
CA GLN E 211 20.09 -32.57 -25.80
C GLN E 211 20.31 -31.58 -24.67
N TYR E 212 21.08 -30.52 -24.91
CA TYR E 212 21.26 -29.51 -23.88
C TYR E 212 20.02 -28.64 -23.74
N CYS E 213 19.33 -28.35 -24.84
CA CYS E 213 18.08 -27.59 -24.73
C CYS E 213 17.03 -28.39 -24.00
N VAL E 214 16.95 -29.69 -24.26
CA VAL E 214 16.01 -30.56 -23.56
C VAL E 214 16.35 -30.60 -22.06
N ALA E 215 17.63 -30.81 -21.75
CA ALA E 215 18.04 -30.89 -20.35
C ALA E 215 17.83 -29.56 -19.65
N ALA E 216 18.07 -28.45 -20.34
CA ALA E 216 17.88 -27.14 -19.74
C ALA E 216 16.40 -26.85 -19.50
N ASN E 217 15.52 -27.34 -20.38
CA ASN E 217 14.10 -27.18 -20.12
C ASN E 217 13.68 -27.96 -18.88
N TYR E 218 14.12 -29.21 -18.78
CA TYR E 218 13.75 -30.00 -17.61
C TYR E 218 14.33 -29.40 -16.33
N TYR E 219 15.56 -28.90 -16.39
CA TYR E 219 16.16 -28.33 -15.20
C TYR E 219 15.67 -26.93 -14.88
N TRP E 220 15.08 -26.22 -15.85
CA TRP E 220 14.45 -24.96 -15.48
C TRP E 220 13.04 -25.18 -14.93
N LEU E 221 12.37 -26.26 -15.34
CA LEU E 221 11.20 -26.70 -14.58
C LEU E 221 11.60 -27.05 -13.15
N LEU E 222 12.75 -27.73 -13.00
CA LEU E 222 13.26 -28.05 -11.66
C LEU E 222 13.57 -26.80 -10.87
N VAL E 223 14.18 -25.80 -11.51
CA VAL E 223 14.52 -24.56 -10.81
C VAL E 223 13.25 -23.80 -10.41
N GLU E 224 12.23 -23.81 -11.28
CA GLU E 224 10.95 -23.20 -10.91
C GLU E 224 10.37 -23.90 -9.68
N GLY E 225 10.39 -25.23 -9.66
CA GLY E 225 9.89 -25.96 -8.52
C GLY E 225 10.68 -25.67 -7.25
N VAL E 226 12.01 -25.63 -7.36
CA VAL E 226 12.84 -25.42 -6.19
C VAL E 226 12.65 -24.00 -5.65
N TYR E 227 12.53 -23.02 -6.54
CA TYR E 227 12.29 -21.66 -6.10
C TYR E 227 10.94 -21.52 -5.42
N LEU E 228 9.90 -22.12 -6.00
CA LEU E 228 8.58 -22.08 -5.37
C LEU E 228 8.60 -22.76 -4.01
N TYR E 229 9.31 -23.88 -3.89
CA TYR E 229 9.34 -24.61 -2.64
C TYR E 229 10.10 -23.86 -1.56
N THR E 230 11.26 -23.27 -1.90
CA THR E 230 11.98 -22.50 -0.89
C THR E 230 11.26 -21.19 -0.58
N LEU E 231 10.47 -20.67 -1.52
CA LEU E 231 9.62 -19.53 -1.23
C LEU E 231 8.54 -19.90 -0.23
N LEU E 232 8.08 -21.15 -0.29
CA LEU E 232 7.09 -21.61 0.69
C LEU E 232 7.73 -22.11 1.98
N ALA E 233 8.98 -22.56 1.94
CA ALA E 233 9.59 -23.22 3.09
C ALA E 233 10.68 -22.41 3.78
N PHE E 234 11.66 -21.92 3.02
CA PHE E 234 12.76 -21.15 3.58
C PHE E 234 12.66 -19.71 3.13
N SER E 235 11.93 -18.89 3.86
CA SER E 235 11.65 -17.52 3.44
C SER E 235 12.75 -16.54 3.80
N VAL E 236 13.89 -17.03 4.29
CA VAL E 236 15.03 -16.17 4.56
C VAL E 236 16.14 -16.44 3.53
N LEU E 237 16.14 -15.67 2.45
CA LEU E 237 17.07 -15.87 1.36
C LEU E 237 17.29 -14.54 0.64
N SER E 238 18.48 -14.38 0.08
CA SER E 238 18.85 -13.16 -0.64
C SER E 238 18.54 -13.37 -2.11
N GLU E 239 17.47 -12.71 -2.60
CA GLU E 239 17.03 -12.90 -3.98
C GLU E 239 18.03 -12.40 -5.00
N GLN E 240 19.11 -11.77 -4.55
CA GLN E 240 20.17 -11.32 -5.46
C GLN E 240 21.11 -12.49 -5.69
N TRP E 241 21.42 -13.21 -4.62
CA TRP E 241 22.34 -14.33 -4.70
C TRP E 241 21.62 -15.59 -5.14
N ILE E 242 20.44 -15.83 -4.58
CA ILE E 242 19.72 -17.05 -4.88
C ILE E 242 19.27 -17.07 -6.34
N PHE E 243 19.04 -15.90 -6.94
CA PHE E 243 18.68 -15.88 -8.35
C PHE E 243 19.87 -16.19 -9.23
N ARG E 244 21.06 -15.71 -8.85
CA ARG E 244 22.26 -16.10 -9.57
C ARG E 244 22.50 -17.60 -9.43
N LEU E 245 22.22 -18.16 -8.24
CA LEU E 245 22.36 -19.59 -8.05
C LEU E 245 21.37 -20.37 -8.91
N TYR E 246 20.15 -19.85 -9.05
CA TYR E 246 19.13 -20.54 -9.83
C TYR E 246 19.43 -20.46 -11.32
N VAL E 247 19.92 -19.32 -11.79
CA VAL E 247 20.34 -19.21 -13.19
C VAL E 247 21.52 -20.15 -13.44
N SER E 248 22.49 -20.18 -12.52
CA SER E 248 23.62 -21.08 -12.66
C SER E 248 23.17 -22.53 -12.68
N ILE E 249 22.19 -22.90 -11.87
CA ILE E 249 21.75 -24.29 -11.88
C ILE E 249 21.05 -24.61 -13.19
N GLY E 250 20.05 -23.80 -13.55
CA GLY E 250 19.23 -24.11 -14.70
C GLY E 250 19.98 -24.12 -16.01
N TRP E 251 20.97 -23.23 -16.15
CA TRP E 251 21.69 -23.19 -17.41
C TRP E 251 23.01 -23.95 -17.39
N GLY E 252 23.60 -24.20 -16.22
CA GLY E 252 24.90 -24.81 -16.14
C GLY E 252 24.92 -26.28 -15.75
N VAL E 253 24.06 -26.70 -14.82
CA VAL E 253 24.04 -28.11 -14.44
C VAL E 253 23.64 -28.98 -15.63
N PRO E 254 22.75 -28.53 -16.53
CA PRO E 254 22.61 -29.27 -17.79
C PRO E 254 23.91 -29.45 -18.55
N LEU E 255 24.82 -28.48 -18.53
CA LEU E 255 26.11 -28.68 -19.18
C LEU E 255 26.89 -29.81 -18.53
N LEU E 256 26.88 -29.85 -17.20
CA LEU E 256 27.68 -30.80 -16.42
C LEU E 256 27.29 -32.26 -16.67
N PHE E 257 26.19 -32.51 -17.37
CA PHE E 257 25.93 -33.86 -17.85
C PHE E 257 25.65 -33.96 -19.35
N VAL E 258 25.50 -32.84 -20.07
CA VAL E 258 25.34 -32.95 -21.52
C VAL E 258 26.69 -32.99 -22.21
N VAL E 259 27.66 -32.23 -21.70
CA VAL E 259 28.96 -32.19 -22.38
C VAL E 259 29.82 -33.40 -22.00
N PRO E 260 29.74 -34.00 -20.79
CA PRO E 260 30.40 -35.30 -20.65
C PRO E 260 29.72 -36.38 -21.47
N TRP E 261 28.40 -36.30 -21.64
CA TRP E 261 27.73 -37.18 -22.59
C TRP E 261 28.26 -36.98 -24.00
N GLY E 262 28.51 -35.71 -24.37
CA GLY E 262 29.09 -35.42 -25.67
C GLY E 262 30.46 -36.04 -25.85
N ILE E 263 31.32 -35.88 -24.84
CA ILE E 263 32.68 -36.42 -24.99
C ILE E 263 32.65 -37.94 -24.92
N VAL E 264 31.69 -38.53 -24.21
CA VAL E 264 31.56 -39.99 -24.19
C VAL E 264 31.12 -40.50 -25.56
N LYS E 265 30.16 -39.83 -26.20
CA LYS E 265 29.75 -40.24 -27.53
C LYS E 265 30.87 -40.03 -28.54
N TYR E 266 31.65 -38.96 -28.39
CA TYR E 266 32.76 -38.72 -29.30
C TYR E 266 33.86 -39.78 -29.14
N LEU E 267 34.22 -40.09 -27.90
CA LEU E 267 35.35 -40.99 -27.65
C LEU E 267 34.96 -42.45 -27.84
N TYR E 268 33.86 -42.87 -27.22
CA TYR E 268 33.50 -44.28 -27.12
C TYR E 268 32.64 -44.77 -28.27
N GLU E 269 31.74 -43.91 -28.73
CA GLU E 269 30.78 -44.35 -29.73
C GLU E 269 31.03 -44.10 -31.18
N ASP E 270 30.15 -44.63 -32.01
CA ASP E 270 30.30 -44.56 -33.45
C ASP E 270 29.40 -43.47 -34.03
N GLU E 271 29.22 -43.46 -35.34
CA GLU E 271 28.44 -42.44 -36.02
C GLU E 271 26.95 -42.76 -35.89
N GLY E 272 26.13 -42.06 -36.66
CA GLY E 272 24.71 -42.05 -36.50
C GLY E 272 24.16 -40.75 -35.98
N CYS E 273 24.95 -39.68 -36.00
CA CYS E 273 24.60 -38.35 -35.51
C CYS E 273 24.10 -38.38 -34.06
N TRP E 274 24.54 -39.40 -33.32
CA TRP E 274 24.22 -39.58 -31.89
C TRP E 274 22.73 -39.69 -31.62
N THR E 275 21.94 -40.00 -32.64
CA THR E 275 20.51 -40.19 -32.46
C THR E 275 20.16 -41.66 -32.18
N ARG E 276 21.15 -42.54 -32.23
CA ARG E 276 20.97 -43.96 -31.92
C ARG E 276 21.63 -44.23 -30.57
N ASN E 277 20.80 -44.28 -29.52
CA ASN E 277 21.27 -44.61 -28.19
C ASN E 277 21.37 -46.13 -28.02
N SER E 278 22.23 -46.73 -28.86
CA SER E 278 22.37 -48.18 -28.86
C SER E 278 22.96 -48.68 -27.55
N ASN E 279 24.00 -48.00 -27.05
CA ASN E 279 24.55 -48.30 -25.72
C ASN E 279 23.85 -47.39 -24.74
N MET E 280 22.70 -47.88 -24.21
CA MET E 280 21.86 -47.04 -23.36
C MET E 280 22.55 -46.64 -22.07
N ASN E 281 23.52 -47.42 -21.60
CA ASN E 281 24.26 -47.06 -20.40
C ASN E 281 24.96 -45.73 -20.56
N TYR E 282 25.51 -45.46 -21.73
CA TYR E 282 26.10 -44.15 -22.02
C TYR E 282 25.04 -43.07 -22.11
N TRP E 283 23.81 -43.43 -22.47
CA TRP E 283 22.72 -42.46 -22.52
C TRP E 283 22.16 -42.16 -21.14
N LEU E 284 22.44 -43.02 -20.16
CA LEU E 284 22.06 -42.73 -18.77
C LEU E 284 22.72 -41.46 -18.26
N ILE E 285 23.89 -41.11 -18.80
CA ILE E 285 24.62 -39.91 -18.41
C ILE E 285 23.73 -38.67 -18.48
N ILE E 286 22.82 -38.62 -19.45
CA ILE E 286 21.88 -37.52 -19.55
C ILE E 286 20.47 -37.91 -19.12
N ARG E 287 20.15 -39.20 -19.09
CA ARG E 287 18.82 -39.62 -18.65
C ARG E 287 18.66 -39.47 -17.15
N LEU E 288 19.55 -40.03 -16.37
CA LEU E 288 19.36 -39.98 -14.93
C LEU E 288 19.21 -38.56 -14.40
N PRO E 289 20.16 -37.63 -14.69
CA PRO E 289 19.90 -36.30 -14.13
C PRO E 289 18.55 -35.72 -14.52
N ILE E 290 18.04 -36.03 -15.71
CA ILE E 290 16.71 -35.54 -16.07
C ILE E 290 15.65 -36.27 -15.26
N LEU E 291 15.84 -37.54 -14.97
CA LEU E 291 14.87 -38.21 -14.14
C LEU E 291 14.99 -37.68 -12.72
N PHE E 292 16.18 -37.33 -12.28
CA PHE E 292 16.32 -36.71 -10.97
C PHE E 292 15.56 -35.39 -10.91
N ALA E 293 15.68 -34.58 -11.97
CA ALA E 293 14.95 -33.32 -12.03
C ALA E 293 13.45 -33.57 -11.97
N ILE E 294 12.95 -34.56 -12.70
CA ILE E 294 11.52 -34.84 -12.70
C ILE E 294 11.06 -35.40 -11.36
N GLY E 295 11.88 -36.25 -10.73
CA GLY E 295 11.51 -36.78 -9.42
C GLY E 295 11.48 -35.71 -8.35
N VAL E 296 12.45 -34.80 -8.36
CA VAL E 296 12.45 -33.72 -7.38
C VAL E 296 11.34 -32.73 -7.68
N ASN E 297 11.02 -32.52 -8.96
CA ASN E 297 9.87 -31.70 -9.30
C ASN E 297 8.58 -32.34 -8.81
N PHE E 298 8.48 -33.67 -8.83
CA PHE E 298 7.28 -34.34 -8.34
C PHE E 298 7.19 -34.24 -6.82
N LEU E 299 8.32 -34.38 -6.12
CA LEU E 299 8.31 -34.21 -4.67
C LEU E 299 7.93 -32.78 -4.29
N ILE E 300 8.47 -31.80 -5.00
CA ILE E 300 8.11 -30.42 -4.75
C ILE E 300 6.64 -30.17 -5.09
N PHE E 301 6.14 -30.84 -6.14
CA PHE E 301 4.73 -30.68 -6.51
C PHE E 301 3.81 -31.22 -5.43
N VAL E 302 4.13 -32.41 -4.90
CA VAL E 302 3.28 -32.97 -3.85
C VAL E 302 3.39 -32.15 -2.57
N ARG E 303 4.54 -31.58 -2.28
CA ARG E 303 4.65 -30.74 -1.10
C ARG E 303 3.84 -29.49 -1.27
N VAL E 304 3.99 -28.84 -2.41
CA VAL E 304 3.28 -27.57 -2.62
C VAL E 304 1.77 -27.81 -2.66
N ILE E 305 1.33 -28.95 -3.19
CA ILE E 305 -0.11 -29.24 -3.16
C ILE E 305 -0.56 -29.53 -1.73
N CYS E 306 0.28 -30.19 -0.93
CA CYS E 306 -0.05 -30.37 0.48
C CYS E 306 -0.15 -29.03 1.19
N ILE E 307 0.75 -28.10 0.87
CA ILE E 307 0.70 -26.77 1.48
C ILE E 307 -0.57 -26.03 1.05
N VAL E 308 -0.94 -26.16 -0.24
CA VAL E 308 -2.12 -25.47 -0.73
C VAL E 308 -3.38 -26.02 -0.09
N VAL E 309 -3.48 -27.34 0.05
CA VAL E 309 -4.66 -27.92 0.68
C VAL E 309 -4.66 -27.69 2.18
N SER E 310 -3.50 -27.51 2.80
CA SER E 310 -3.47 -27.11 4.21
C SER E 310 -3.95 -25.67 4.39
N LYS E 311 -3.61 -24.80 3.45
CA LYS E 311 -4.13 -23.44 3.51
C LYS E 311 -5.61 -23.40 3.19
N LEU E 312 -6.10 -24.36 2.41
CA LEU E 312 -7.52 -24.41 2.06
C LEU E 312 -8.35 -24.98 3.20
N LYS E 313 -7.85 -25.98 3.89
CA LYS E 313 -8.59 -26.55 4.99
C LYS E 313 -8.69 -25.56 6.12
N ALA E 314 -7.64 -24.80 6.38
CA ALA E 314 -7.63 -23.87 7.49
C ALA E 314 -8.55 -22.67 7.26
N ASN E 315 -8.99 -22.48 6.02
CA ASN E 315 -9.89 -21.38 5.71
C ASN E 315 -11.32 -21.75 6.02
N LEU E 316 -12.25 -20.93 5.57
CA LEU E 316 -13.68 -21.23 5.77
C LEU E 316 -14.33 -21.83 4.53
N THR E 320 -16.14 -23.77 1.73
CA THR E 320 -17.10 -24.85 1.84
C THR E 320 -16.58 -26.12 1.15
N ASP E 321 -16.31 -26.02 -0.15
CA ASP E 321 -15.81 -27.15 -0.93
C ASP E 321 -14.45 -26.76 -1.49
N ILE E 322 -13.39 -27.39 -0.95
CA ILE E 322 -12.03 -27.10 -1.38
C ILE E 322 -11.62 -27.88 -2.61
N LYS E 323 -12.46 -28.79 -3.10
CA LYS E 323 -12.06 -29.68 -4.18
C LYS E 323 -11.97 -28.96 -5.51
N CYS E 324 -12.98 -28.14 -5.84
CA CYS E 324 -12.97 -27.47 -7.14
C CYS E 324 -11.97 -26.31 -7.18
N ARG E 325 -11.42 -25.89 -6.04
CA ARG E 325 -10.35 -24.91 -6.02
C ARG E 325 -8.99 -25.57 -6.04
N LEU E 326 -8.83 -26.67 -5.29
CA LEU E 326 -7.61 -27.46 -5.41
C LEU E 326 -7.45 -28.03 -6.81
N ALA E 327 -8.57 -28.28 -7.51
CA ALA E 327 -8.50 -28.73 -8.89
C ALA E 327 -7.84 -27.67 -9.78
N LYS E 328 -8.29 -26.41 -9.67
CA LYS E 328 -7.70 -25.35 -10.47
C LYS E 328 -6.24 -25.11 -10.06
N SER E 329 -5.95 -25.17 -8.77
CA SER E 329 -4.57 -24.99 -8.31
C SER E 329 -3.65 -26.07 -8.88
N THR E 330 -4.07 -27.33 -8.78
CA THR E 330 -3.27 -28.43 -9.30
C THR E 330 -3.14 -28.38 -10.83
N LEU E 331 -4.19 -27.98 -11.53
CA LEU E 331 -4.14 -27.89 -12.98
C LEU E 331 -3.31 -26.71 -13.44
N THR E 332 -3.15 -25.69 -12.59
CA THR E 332 -2.21 -24.61 -12.89
C THR E 332 -0.78 -25.00 -12.52
N LEU E 333 -0.61 -25.91 -11.56
CA LEU E 333 0.73 -26.30 -11.13
C LEU E 333 1.35 -27.39 -11.98
N ILE E 334 0.52 -28.22 -12.64
CA ILE E 334 1.06 -29.31 -13.47
C ILE E 334 2.00 -28.80 -14.56
N PRO E 335 1.62 -27.84 -15.42
CA PRO E 335 2.55 -27.43 -16.49
C PRO E 335 3.75 -26.68 -15.96
N LEU E 336 3.62 -25.93 -14.87
CA LEU E 336 4.70 -25.08 -14.38
C LEU E 336 5.88 -25.90 -13.91
N LEU E 337 5.64 -26.81 -12.97
CA LEU E 337 6.70 -27.68 -12.48
C LEU E 337 7.05 -28.79 -13.45
N GLY E 338 6.24 -28.99 -14.49
CA GLY E 338 6.53 -29.99 -15.49
C GLY E 338 6.35 -31.39 -14.98
N THR E 339 5.18 -31.67 -14.42
CA THR E 339 4.84 -33.00 -13.93
C THR E 339 4.10 -33.84 -14.96
N HIS E 340 4.03 -33.39 -16.21
CA HIS E 340 3.60 -34.28 -17.28
C HIS E 340 4.45 -35.54 -17.32
N GLU E 341 5.75 -35.40 -17.09
CA GLU E 341 6.70 -36.46 -17.35
C GLU E 341 6.66 -37.59 -16.32
N VAL E 342 6.13 -37.33 -15.12
CA VAL E 342 6.27 -38.30 -14.04
C VAL E 342 5.55 -39.60 -14.38
N ILE E 343 4.51 -39.53 -15.21
CA ILE E 343 3.84 -40.75 -15.67
C ILE E 343 4.57 -41.34 -16.88
N PHE E 344 5.02 -40.51 -17.80
CA PHE E 344 5.61 -41.05 -19.02
C PHE E 344 7.04 -41.47 -18.83
N ALA E 345 7.91 -40.51 -18.58
CA ALA E 345 9.32 -40.80 -18.47
C ALA E 345 9.69 -41.90 -17.52
N PHE E 346 9.08 -41.92 -16.35
CA PHE E 346 9.48 -42.89 -15.34
C PHE E 346 9.42 -44.30 -15.89
N VAL E 347 8.49 -44.54 -16.81
CA VAL E 347 8.39 -45.86 -17.42
C VAL E 347 9.54 -46.06 -18.40
N ALA E 352 7.33 -50.77 -26.18
CA ALA E 352 6.26 -51.42 -25.44
C ALA E 352 5.29 -52.15 -26.37
N ARG E 353 4.07 -52.40 -25.89
CA ARG E 353 3.07 -53.06 -26.73
C ARG E 353 2.77 -52.14 -27.89
N GLY E 354 2.57 -52.69 -29.07
CA GLY E 354 2.40 -51.83 -30.23
C GLY E 354 1.19 -50.91 -30.12
N THR E 355 0.09 -51.33 -29.53
CA THR E 355 -1.01 -50.37 -29.32
C THR E 355 -0.61 -49.38 -28.22
N LEU E 356 -0.14 -49.92 -27.11
CA LEU E 356 0.22 -49.08 -25.97
C LEU E 356 1.33 -48.09 -26.25
N ARG E 357 2.35 -48.51 -26.99
CA ARG E 357 3.46 -47.62 -27.32
C ARG E 357 2.96 -46.46 -28.14
N PHE E 358 2.08 -46.73 -29.10
CA PHE E 358 1.54 -45.67 -29.91
C PHE E 358 0.74 -44.71 -29.03
N ILE E 359 -0.03 -45.27 -28.12
CA ILE E 359 -0.84 -44.41 -27.27
C ILE E 359 0.08 -43.51 -26.44
N LYS E 360 1.18 -44.08 -25.96
CA LYS E 360 2.10 -43.32 -25.13
C LYS E 360 2.87 -42.24 -25.85
N LEU E 361 3.50 -42.55 -26.97
CA LEU E 361 4.33 -41.52 -27.58
C LEU E 361 3.48 -40.31 -27.95
N PHE E 362 2.25 -40.55 -28.40
CA PHE E 362 1.38 -39.45 -28.78
C PHE E 362 1.22 -38.46 -27.62
N THR E 363 0.91 -38.95 -26.43
CA THR E 363 0.76 -38.05 -25.30
C THR E 363 2.11 -37.51 -24.84
N GLU E 364 3.15 -38.37 -24.82
CA GLU E 364 4.48 -37.93 -24.42
C GLU E 364 5.04 -36.85 -25.34
N LEU E 365 4.52 -36.73 -26.55
CA LEU E 365 4.87 -35.61 -27.42
C LEU E 365 3.92 -34.43 -27.31
N SER E 366 2.60 -34.69 -27.35
CA SER E 366 1.63 -33.62 -27.39
C SER E 366 1.65 -32.79 -26.10
N PHE E 367 1.71 -33.46 -24.95
CA PHE E 367 1.68 -32.72 -23.68
C PHE E 367 2.93 -31.88 -23.50
N THR E 368 4.10 -32.45 -23.80
CA THR E 368 5.33 -31.66 -23.70
C THR E 368 5.42 -30.60 -24.79
N SER E 369 4.67 -30.74 -25.88
CA SER E 369 4.66 -29.70 -26.90
C SER E 369 3.75 -28.54 -26.52
N PHE E 370 2.59 -28.84 -25.96
CA PHE E 370 1.64 -27.80 -25.57
C PHE E 370 1.87 -27.26 -24.17
N GLN E 371 2.78 -27.86 -23.39
CA GLN E 371 3.03 -27.31 -22.06
C GLN E 371 3.71 -25.95 -22.12
N GLY E 372 4.43 -25.64 -23.20
CA GLY E 372 4.93 -24.28 -23.35
C GLY E 372 3.80 -23.27 -23.48
N LEU E 373 2.82 -23.59 -24.32
CA LEU E 373 1.63 -22.74 -24.45
C LEU E 373 0.86 -22.67 -23.15
N MET E 374 0.77 -23.80 -22.44
CA MET E 374 0.01 -23.82 -21.19
C MET E 374 0.69 -22.99 -20.12
N VAL E 375 2.02 -23.07 -20.01
CA VAL E 375 2.74 -22.25 -19.05
C VAL E 375 2.64 -20.78 -19.41
N ALA E 376 2.83 -20.46 -20.69
CA ALA E 376 2.72 -19.07 -21.15
C ALA E 376 1.36 -18.48 -20.79
N ILE E 377 0.29 -19.19 -21.13
CA ILE E 377 -1.06 -18.72 -20.78
C ILE E 377 -1.22 -18.60 -19.27
N LEU E 378 -0.99 -19.71 -18.55
CA LEU E 378 -1.32 -19.79 -17.14
C LEU E 378 -0.49 -18.87 -16.27
N TYR E 379 0.68 -18.42 -16.72
CA TYR E 379 1.54 -17.60 -15.87
C TYR E 379 1.94 -16.28 -16.52
N CYS E 380 1.44 -15.97 -17.71
CA CYS E 380 1.66 -14.64 -18.27
C CYS E 380 0.43 -14.05 -18.95
N PHE E 381 -0.63 -14.83 -19.18
CA PHE E 381 -1.84 -14.29 -19.82
C PHE E 381 -3.03 -14.24 -18.87
N VAL E 382 -3.43 -15.36 -18.28
CA VAL E 382 -4.49 -15.32 -17.27
C VAL E 382 -3.97 -14.95 -15.90
N ASN E 383 -2.69 -14.64 -15.77
CA ASN E 383 -2.14 -14.12 -14.53
C ASN E 383 -2.83 -12.81 -14.17
N ASN E 384 -3.26 -12.69 -12.90
CA ASN E 384 -4.04 -11.52 -12.50
C ASN E 384 -3.22 -10.24 -12.54
N GLU E 385 -1.93 -10.30 -12.20
CA GLU E 385 -1.14 -9.07 -12.17
C GLU E 385 -0.86 -8.52 -13.56
N VAL E 386 -0.66 -9.38 -14.56
CA VAL E 386 -0.42 -8.87 -15.90
C VAL E 386 -1.71 -8.38 -16.54
N GLN E 387 -2.84 -9.03 -16.24
CA GLN E 387 -4.13 -8.50 -16.68
C GLN E 387 -4.39 -7.15 -16.04
N LEU E 388 -3.73 -6.98 -14.93
CA LEU E 388 -3.72 -5.72 -14.24
C LEU E 388 -2.69 -4.89 -14.99
N GLU E 389 -1.46 -5.40 -15.07
CA GLU E 389 -0.34 -4.72 -15.72
C GLU E 389 -0.68 -4.12 -17.07
N PHE E 390 -1.33 -4.92 -17.89
CA PHE E 390 -1.79 -4.43 -19.20
C PHE E 390 -2.70 -3.26 -19.05
N ARG E 391 -3.74 -3.42 -18.24
CA ARG E 391 -4.69 -2.35 -18.04
C ARG E 391 -4.06 -1.01 -17.61
N LYS E 392 -2.77 -0.97 -17.24
CA LYS E 392 -2.20 0.32 -16.92
C LYS E 392 -1.49 0.90 -18.13
N SER E 393 -0.61 0.11 -18.72
CA SER E 393 0.12 0.57 -19.87
C SER E 393 -0.82 0.96 -20.97
N TRP E 394 -1.89 0.19 -21.14
CA TRP E 394 -2.83 0.45 -22.21
C TRP E 394 -3.54 1.76 -22.02
N GLU E 395 -3.91 2.04 -20.78
CA GLU E 395 -4.60 3.27 -20.46
C GLU E 395 -3.65 4.42 -20.71
N ARG E 396 -2.40 4.22 -20.36
CA ARG E 396 -1.42 5.27 -20.57
C ARG E 396 -1.34 5.58 -22.05
N TRP E 397 -1.26 4.54 -22.86
CA TRP E 397 -1.16 4.73 -24.29
C TRP E 397 -2.40 5.43 -24.79
N ARG E 398 -3.54 5.07 -24.21
CA ARG E 398 -4.80 5.67 -24.62
C ARG E 398 -4.77 7.18 -24.35
N LEU E 399 -4.52 7.62 -23.13
CA LEU E 399 -4.62 9.07 -22.86
C LEU E 399 -3.77 9.85 -23.83
N GLU E 400 -2.71 9.22 -24.33
CA GLU E 400 -1.88 9.87 -25.34
C GLU E 400 -2.79 10.29 -26.48
N HIS E 401 -3.73 9.43 -26.86
CA HIS E 401 -4.68 9.79 -27.89
C HIS E 401 -5.93 10.44 -27.32
C12 HNO F . -14.46 -27.98 -10.09
C14 HNO F . -13.67 -27.90 -11.23
C16 HNO F . -12.74 -26.30 -13.07
C17 HNO F . -13.57 -26.90 -14.20
C18 HNO F . -12.69 -24.78 -13.24
C19 HNO F . -11.31 -26.82 -13.12
C20 HNO F . -13.53 -30.23 -11.25
C21 HNO F . -14.31 -30.32 -10.14
C22 HNO F . -14.62 -31.61 -9.60
C23 HNO F . -14.12 -32.76 -10.20
C24 HNO F . -13.32 -32.67 -11.34
C25 HNO F . -13.02 -31.41 -11.87
N13 HNO F . -14.77 -29.16 -9.57
N15 HNO F . -13.36 -26.57 -11.76
N28 HNO F . -13.21 -29.01 -11.79
CL1 HNO F . -14.52 -34.36 -9.52
CL2 HNO F . -12.69 -34.14 -12.12
C1 CLR G . -0.71 -34.83 -2.07
C2 CLR G . -0.96 -34.88 -0.56
C3 CLR G . -2.12 -33.96 -0.16
C4 CLR G . -3.39 -34.39 -0.86
C5 CLR G . -3.13 -34.51 -2.35
C6 CLR G . -3.95 -33.91 -3.23
C7 CLR G . -4.26 -34.54 -4.57
C8 CLR G . -3.08 -35.37 -5.06
C9 CLR G . -1.78 -35.02 -4.33
C10 CLR G . -1.94 -35.28 -2.84
C11 CLR G . -0.55 -35.73 -4.89
C12 CLR G . -0.45 -35.69 -6.42
C13 CLR G . -1.78 -36.17 -6.98
C14 CLR G . -2.83 -35.18 -6.54
C15 CLR G . -4.01 -35.41 -7.48
C16 CLR G . -3.37 -35.89 -8.79
C17 CLR G . -1.91 -36.19 -8.49
C18 CLR G . -2.10 -37.55 -6.42
C19 CLR G . -2.19 -36.77 -2.59
C20 CLR G . -1.48 -37.53 -9.08
C21 CLR G . -0.10 -37.94 -8.56
C22 CLR G . -1.49 -37.49 -10.60
C23 CLR G . -1.69 -38.89 -11.18
C24 CLR G . -0.37 -39.63 -11.30
C25 CLR G . -0.54 -41.10 -10.94
C26 CLR G . -0.99 -41.92 -12.13
C27 CLR G . 0.75 -41.67 -10.35
O1 CLR G . -2.30 -34.01 1.25
C1 CLR H . 16.63 -9.83 -17.61
C2 CLR H . 17.29 -8.81 -16.69
C3 CLR H . 18.11 -9.55 -15.63
C4 CLR H . 19.22 -10.34 -16.31
C5 CLR H . 18.61 -11.26 -17.32
C6 CLR H . 18.74 -12.56 -17.13
C7 CLR H . 18.42 -13.54 -18.18
C8 CLR H . 18.10 -12.80 -19.46
C9 CLR H . 17.06 -11.71 -19.21
C10 CLR H . 17.71 -10.64 -18.34
C11 CLR H . 16.56 -11.07 -20.49
C12 CLR H . 16.09 -12.09 -21.49
C13 CLR H . 17.24 -13.02 -21.77
C14 CLR H . 17.55 -13.78 -20.48
C15 CLR H . 18.49 -14.89 -20.94
C16 CLR H . 17.99 -15.23 -22.36
C17 CLR H . 16.94 -14.18 -22.72
C18 CLR H . 18.48 -12.27 -22.22
C19 CLR H . 18.55 -9.69 -19.20
C20 CLR H . 17.04 -13.75 -24.18
C21 CLR H . 15.72 -14.02 -24.89
C22 CLR H . 18.18 -14.47 -24.87
C23 CLR H . 19.09 -13.44 -25.50
C24 CLR H . 18.92 -13.42 -27.01
C25 CLR H . 18.02 -12.26 -27.42
C26 CLR H . 18.08 -12.07 -28.93
C27 CLR H . 18.46 -10.98 -26.72
O1 CLR H . 18.65 -8.59 -14.79
C1 CLR I . 10.26 -23.54 -38.39
C2 CLR I . 10.40 -24.63 -39.45
C3 CLR I . 9.20 -25.57 -39.42
C4 CLR I . 7.93 -24.79 -39.74
C5 CLR I . 7.83 -23.60 -38.82
C6 CLR I . 6.70 -23.37 -38.14
C7 CLR I . 6.24 -21.96 -37.83
C8 CLR I . 7.43 -21.02 -37.66
C9 CLR I . 8.73 -21.80 -37.44
C10 CLR I . 9.03 -22.70 -38.63
C11 CLR I . 9.94 -20.89 -37.14
C12 CLR I . 9.65 -19.81 -36.09
C13 CLR I . 8.38 -19.08 -36.50
C14 CLR I . 7.25 -20.08 -36.49
C15 CLR I . 5.98 -19.25 -36.44
C16 CLR I . 6.38 -17.98 -35.69
C17 CLR I . 7.90 -17.99 -35.56
C18 CLR I . 8.55 -18.52 -37.91
C19 CLR I . 9.19 -21.86 -39.90
C20 CLR I . 8.51 -16.63 -35.91
C21 CLR I . 10.00 -16.76 -36.19
C22 CLR I . 8.26 -15.64 -34.78
C23 CLR I . 8.08 -14.22 -35.33
C24 CLR I . 7.63 -13.26 -34.23
C25 CLR I . 7.32 -11.88 -34.80
C26 CLR I . 5.93 -11.42 -34.38
C27 CLR I . 8.39 -10.88 -34.39
O1 CLR I . 9.38 -26.60 -40.40
C1 CLR J . 21.37 -13.92 -17.98
C2 CLR J . 21.72 -12.86 -16.96
C3 CLR J . 22.85 -13.40 -16.07
C4 CLR J . 24.08 -13.65 -16.94
C5 CLR J . 23.74 -14.58 -18.05
C6 CLR J . 24.47 -15.67 -18.21
C7 CLR J . 24.23 -16.66 -19.28
C8 CLR J . 23.49 -15.97 -20.42
C9 CLR J . 22.21 -15.29 -19.91
C10 CLR J . 22.57 -14.19 -18.90
C11 CLR J . 21.35 -14.72 -21.05
C12 CLR J . 21.11 -15.72 -22.16
C13 CLR J . 22.45 -16.22 -22.66
C14 CLR J . 23.11 -16.97 -21.49
C15 CLR J . 24.25 -17.73 -22.17
C16 CLR J . 23.61 -18.21 -23.47
C17 CLR J . 22.40 -17.30 -23.76
C18 CLR J . 23.35 -15.06 -23.09
C19 CLR J . 22.94 -12.90 -19.65
C20 CLR J . 22.48 -16.68 -25.16
C21 CLR J . 21.31 -15.72 -25.38
C22 CLR J . 22.48 -17.76 -26.22
C23 CLR J . 22.63 -17.10 -27.59
C24 CLR J . 22.60 -18.16 -28.68
C25 CLR J . 22.72 -17.50 -30.06
C26 CLR J . 22.65 -18.56 -31.14
C27 CLR J . 21.60 -16.48 -30.23
O1 CLR J . 23.12 -12.43 -15.11
H1 CLR J . 23.87 -12.73 -14.60
C1 CLR K . -8.31 -35.30 -5.26
C2 CLR K . -9.17 -35.11 -4.04
C3 CLR K . -9.30 -33.63 -3.76
C4 CLR K . -10.08 -33.02 -4.90
C5 CLR K . -9.38 -33.25 -6.20
C6 CLR K . -9.46 -32.28 -7.09
C7 CLR K . -8.42 -32.13 -8.10
C8 CLR K . -8.18 -33.49 -8.73
C9 CLR K . -7.79 -34.52 -7.65
C10 CLR K . -8.91 -34.63 -6.53
C11 CLR K . -7.41 -35.88 -8.27
C12 CLR K . -6.32 -35.77 -9.33
C13 CLR K . -6.72 -34.80 -10.44
C14 CLR K . -7.02 -33.42 -9.75
C15 CLR K . -7.17 -32.46 -10.92
C16 CLR K . -6.08 -32.93 -11.87
C17 CLR K . -5.57 -34.33 -11.39
C18 CLR K . -7.96 -35.35 -11.28
C19 CLR K . -10.15 -35.43 -7.02
C20 CLR K . -5.20 -35.25 -12.62
C21 CLR K . -4.83 -36.67 -12.20
C22 CLR K . -4.00 -34.61 -13.40
C23 CLR K . -4.43 -34.02 -14.78
C24 CLR K . -3.89 -34.85 -15.94
C25 CLR K . -4.63 -36.21 -16.06
C26 CLR K . -5.27 -36.33 -17.43
C27 CLR K . -3.67 -37.37 -15.84
O1 CLR K . -10.01 -33.51 -2.58
H11 CLR K . -7.42 -34.98 -5.09
H12 CLR K . -8.17 -36.25 -5.40
H21 CLR K . -8.79 -35.56 -3.27
H22 CLR K . -10.04 -35.53 -4.14
H3 CLR K . -8.43 -33.22 -3.70
H41 CLR K . -10.20 -32.07 -4.75
H42 CLR K . -10.99 -33.35 -4.94
H6 CLR K . -10.28 -31.93 -7.31
H71 CLR K . -7.62 -31.77 -7.69
H72 CLR K . -8.70 -31.48 -8.75
H8 CLR K . -8.98 -33.72 -9.15
H9 CLR K . -6.98 -34.19 -7.24
H111 CLR K . -7.12 -36.48 -7.60
H112 CLR K . -8.14 -36.33 -8.67
H121 CLR K . -5.49 -35.51 -8.92
H122 CLR K . -6.15 -36.63 -9.67
H14 CLR K . -6.24 -33.13 -9.26
H151 CLR K . -7.06 -31.53 -10.67
H152 CLR K . -8.05 -32.50 -11.32
H161 CLR K . -5.35 -32.30 -11.89
H162 CLR K . -6.41 -32.94 -12.78
H17 CLR K . -4.78 -34.21 -10.87
H181 CLR K . -8.80 -35.29 -10.84
H182 CLR K . -8.10 -34.91 -12.12
H183 CLR K . -7.89 -36.29 -11.47
H191 CLR K . -10.96 -35.24 -6.53
H192 CLR K . -10.37 -35.27 -7.95
H193 CLR K . -10.03 -36.38 -6.93
H20 CLR K . -5.93 -35.31 -13.21
H211 CLR K . -4.21 -36.68 -11.46
H212 CLR K . -5.60 -37.18 -11.94
H213 CLR K . -4.45 -37.18 -12.92
H221 CLR K . -3.29 -35.25 -13.51
H222 CLR K . -3.58 -33.93 -12.89
H231 CLR K . -4.11 -33.12 -14.85
H232 CLR K . -5.38 -33.89 -14.86
H241 CLR K . -2.93 -34.97 -15.86
H242 CLR K . -3.99 -34.34 -16.75
H25 CLR K . -5.32 -36.25 -15.40
H261 CLR K . -5.71 -37.18 -17.55
H262 CLR K . -5.95 -35.64 -17.58
H263 CLR K . -4.63 -36.25 -18.16
H271 CLR K . -4.14 -38.20 -15.76
H272 CLR K . -3.05 -37.46 -16.57
H273 CLR K . -3.13 -37.26 -15.05
H1 CLR K . -9.78 -32.77 -2.22
C1 CLR L . -5.93 -7.91 -22.20
C2 CLR L . -6.62 -7.22 -21.04
C3 CLR L . -7.85 -8.00 -20.64
C4 CLR L . -7.40 -9.34 -20.11
C5 CLR L . -6.63 -10.07 -21.15
C6 CLR L . -6.84 -11.36 -21.24
C7 CLR L . -6.56 -12.08 -22.49
C8 CLR L . -5.19 -11.67 -22.96
C9 CLR L . -5.16 -10.14 -23.20
C10 CLR L . -5.49 -9.36 -21.86
C11 CLR L . -3.87 -9.67 -23.90
C12 CLR L . -3.53 -10.44 -25.16
C13 CLR L . -3.44 -11.94 -24.87
C14 CLR L . -4.84 -12.38 -24.28
C15 CLR L . -4.76 -13.90 -24.25
C16 CLR L . -4.05 -14.23 -25.56
C17 CLR L . -3.43 -12.90 -26.12
C18 CLR L . -2.23 -12.27 -23.89
C19 CLR L . -4.29 -9.33 -20.89
C20 CLR L . -2.04 -13.17 -26.82
C21 CLR L . -1.33 -11.89 -27.23
C22 CLR L . -2.21 -14.05 -28.08
C23 CLR L . -1.03 -15.04 -28.22
C24 CLR L . -1.26 -16.36 -27.43
C25 CLR L . -2.27 -17.42 -28.03
C26 CLR L . -3.62 -17.38 -27.32
C27 CLR L . -2.49 -17.34 -29.55
O1 CLR L . -8.47 -7.28 -19.64
H11 CLR L . -6.52 -7.90 -22.97
H12 CLR L . -5.20 -7.38 -22.49
H21 CLR L . -6.84 -6.31 -21.26
H22 CLR L . -6.02 -7.13 -20.29
H3 CLR L . -8.43 -8.12 -21.41
H41 CLR L . -8.17 -9.86 -19.85
H42 CLR L . -6.90 -9.25 -19.30
H6 CLR L . -6.81 -11.90 -20.49
H71 CLR L . -7.26 -11.87 -23.12
H72 CLR L . -6.62 -13.03 -22.33
H8 CLR L . -4.59 -11.91 -22.28
H9 CLR L . -5.87 -9.97 -23.84
H111 CLR L . -3.92 -8.74 -24.12
H112 CLR L . -3.10 -9.69 -23.34
H121 CLR L . -4.18 -10.26 -25.85
H122 CLR L . -2.72 -10.11 -25.50
H14 CLR L . -5.54 -12.16 -24.91
H151 CLR L . -5.61 -14.33 -24.19
H152 CLR L . -4.27 -14.22 -23.48
H161 CLR L . -4.67 -14.59 -26.19
H162 CLR L . -3.40 -14.92 -25.42
H17 CLR L . -4.01 -12.56 -26.79
H181 CLR L . -2.38 -12.06 -22.97
H182 CLR L . -1.99 -13.20 -23.87
H183 CLR L . -1.45 -11.77 -24.10
H191 CLR L . -4.52 -9.24 -19.96
H192 CLR L . -3.75 -10.14 -20.91
H193 CLR L . -3.69 -8.60 -21.06
H20 CLR L . -1.48 -13.66 -26.22
H211 CLR L . -1.93 -11.24 -27.63
H212 CLR L . -0.88 -11.45 -26.50
H213 CLR L . -0.63 -12.05 -27.87
H221 CLR L . -2.29 -13.50 -28.87
H222 CLR L . -3.02 -14.52 -28.09
H231 CLR L . -0.20 -14.62 -27.95
H232 CLR L . -0.85 -15.20 -29.15
H241 CLR L . -1.52 -16.13 -26.53
H242 CLR L . -0.41 -16.78 -27.30
H25 CLR L . -1.88 -18.29 -27.85
H261 CLR L . -4.16 -18.16 -27.53
H262 CLR L . -3.54 -17.36 -26.36
H263 CLR L . -4.15 -16.61 -27.57
H271 CLR L . -2.95 -16.54 -29.81
H272 CLR L . -1.66 -17.36 -30.03
H273 CLR L . -3.00 -18.09 -29.88
H1 CLR L . -9.30 -7.48 -19.67
#